data_2FHT
# 
_entry.id   2FHT 
# 
_audit_conform.dict_name       mmcif_pdbx.dic 
_audit_conform.dict_version    5.399 
_audit_conform.dict_location   http://mmcif.pdb.org/dictionaries/ascii/mmcif_pdbx.dic 
# 
loop_
_database_2.database_id 
_database_2.database_code 
_database_2.pdbx_database_accession 
_database_2.pdbx_DOI 
PDB   2FHT         pdb_00002fht 10.2210/pdb2fht/pdb 
RCSB  RCSB035893   ?            ?                   
WWPDB D_1000035893 ?            ?                   
# 
loop_
_pdbx_audit_revision_history.ordinal 
_pdbx_audit_revision_history.data_content_type 
_pdbx_audit_revision_history.major_revision 
_pdbx_audit_revision_history.minor_revision 
_pdbx_audit_revision_history.revision_date 
1 'Structure model' 1 0 2006-12-26 
2 'Structure model' 1 1 2008-05-01 
3 'Structure model' 1 2 2011-07-13 
4 'Structure model' 1 3 2017-10-18 
5 'Structure model' 1 4 2019-07-24 
6 'Structure model' 1 5 2023-08-30 
7 'Structure model' 1 6 2024-11-20 
# 
_pdbx_audit_revision_details.ordinal             1 
_pdbx_audit_revision_details.revision_ordinal    1 
_pdbx_audit_revision_details.data_content_type   'Structure model' 
_pdbx_audit_revision_details.provider            repository 
_pdbx_audit_revision_details.type                'Initial release' 
_pdbx_audit_revision_details.description         ? 
_pdbx_audit_revision_details.details             ? 
# 
loop_
_pdbx_audit_revision_group.ordinal 
_pdbx_audit_revision_group.revision_ordinal 
_pdbx_audit_revision_group.data_content_type 
_pdbx_audit_revision_group.group 
1 2 'Structure model' 'Version format compliance' 
2 3 'Structure model' 'Version format compliance' 
3 4 'Structure model' 'Refinement description'    
4 5 'Structure model' 'Data collection'           
5 5 'Structure model' 'Refinement description'    
6 6 'Structure model' 'Data collection'           
7 6 'Structure model' 'Database references'       
8 6 'Structure model' 'Refinement description'    
9 7 'Structure model' 'Structure summary'         
# 
loop_
_pdbx_audit_revision_category.ordinal 
_pdbx_audit_revision_category.revision_ordinal 
_pdbx_audit_revision_category.data_content_type 
_pdbx_audit_revision_category.category 
1 4 'Structure model' software                      
2 5 'Structure model' software                      
3 6 'Structure model' chem_comp_atom                
4 6 'Structure model' chem_comp_bond                
5 6 'Structure model' database_2                    
6 6 'Structure model' pdbx_initial_refinement_model 
7 7 'Structure model' pdbx_entry_details            
8 7 'Structure model' pdbx_modification_feature     
# 
loop_
_pdbx_audit_revision_item.ordinal 
_pdbx_audit_revision_item.revision_ordinal 
_pdbx_audit_revision_item.data_content_type 
_pdbx_audit_revision_item.item 
1  4 'Structure model' '_software.classification'            
2  4 'Structure model' '_software.contact_author'            
3  4 'Structure model' '_software.contact_author_email'      
4  4 'Structure model' '_software.date'                      
5  4 'Structure model' '_software.language'                  
6  4 'Structure model' '_software.location'                  
7  4 'Structure model' '_software.name'                      
8  4 'Structure model' '_software.type'                      
9  4 'Structure model' '_software.version'                   
10 5 'Structure model' '_software.classification'            
11 5 'Structure model' '_software.contact_author'            
12 5 'Structure model' '_software.contact_author_email'      
13 5 'Structure model' '_software.location'                  
14 5 'Structure model' '_software.name'                      
15 5 'Structure model' '_software.type'                      
16 5 'Structure model' '_software.version'                   
17 6 'Structure model' '_database_2.pdbx_DOI'                
18 6 'Structure model' '_database_2.pdbx_database_accession' 
# 
_pdbx_database_status.entry_id                        2FHT 
_pdbx_database_status.deposit_site                    RCSB 
_pdbx_database_status.process_site                    RCSB 
_pdbx_database_status.recvd_initial_deposition_date   2005-12-27 
_pdbx_database_status.status_code                     REL 
_pdbx_database_status.status_code_sf                  REL 
_pdbx_database_status.status_code_mr                  ? 
_pdbx_database_status.SG_entry                        ? 
_pdbx_database_status.pdb_format_compatible           Y 
_pdbx_database_status.status_code_cs                  ? 
_pdbx_database_status.methods_development_category    ? 
_pdbx_database_status.status_code_nmr_data            ? 
# 
loop_
_audit_author.name 
_audit_author.pdbx_ordinal 
'Li, Y.'       1 
'Liu, D.'      2 
'Cao, R.'      3 
'Kumar, S.'    4 
'Dong, C.Z.'   5 
'wilson, S.R.' 6 
'Gao, Y.G.'    7 
'Huang, Z.'    8 
# 
_citation.id                        primary 
_citation.title                     'Crystal structure of chemically synthesized vMIP-II.' 
_citation.journal_abbrev            Proteins 
_citation.journal_volume            67 
_citation.page_first                243 
_citation.page_last                 246 
_citation.year                      2007 
_citation.journal_id_ASTM           PSFGEY 
_citation.country                   US 
_citation.journal_id_ISSN           0887-3585 
_citation.journal_id_CSD            0867 
_citation.book_publisher            ? 
_citation.pdbx_database_id_PubMed   17243149 
_citation.pdbx_database_id_DOI      10.1002/prot.21172 
# 
loop_
_citation_author.citation_id 
_citation_author.name 
_citation_author.ordinal 
_citation_author.identifier_ORCID 
primary 'Li, Y.'       1 ? 
primary 'Liu, D.'      2 ? 
primary 'Cao, R.'      3 ? 
primary 'Kumar, S.'    4 ? 
primary 'Dong, C.'     5 ? 
primary 'An, J.'       6 ? 
primary 'Wilson, S.R.' 7 ? 
primary 'Gao, Y.G.'    8 ? 
primary 'Huang, Z.'    9 ? 
# 
loop_
_entity.id 
_entity.type 
_entity.src_method 
_entity.pdbx_description 
_entity.formula_weight 
_entity.pdbx_number_of_molecules 
_entity.pdbx_ec 
_entity.pdbx_mutation 
_entity.pdbx_fragment 
_entity.details 
1 polymer syn 'Viral macrophage inflammatory protein-II' 8142.661 1  ? ? ? ? 
2 water   nat water                                      18.015   27 ? ? ? ? 
# 
_entity_name_com.entity_id   1 
_entity_name_com.name        'vMIP-II, vMIP- 1B' 
# 
_entity_poly.entity_id                      1 
_entity_poly.type                           'polypeptide(L)' 
_entity_poly.nstd_linkage                   no 
_entity_poly.nstd_monomer                   no 
_entity_poly.pdbx_seq_one_letter_code       LGASWHRPDKCCLGYQKRPLPQVLLSSWYPTSQLCSKPGVIFLTKRGRQVCADKSKDWVKKLMQQLPVTAR 
_entity_poly.pdbx_seq_one_letter_code_can   LGASWHRPDKCCLGYQKRPLPQVLLSSWYPTSQLCSKPGVIFLTKRGRQVCADKSKDWVKKLMQQLPVTAR 
_entity_poly.pdbx_strand_id                 A 
_entity_poly.pdbx_target_identifier         ? 
# 
_pdbx_entity_nonpoly.entity_id   2 
_pdbx_entity_nonpoly.name        water 
_pdbx_entity_nonpoly.comp_id     HOH 
# 
loop_
_entity_poly_seq.entity_id 
_entity_poly_seq.num 
_entity_poly_seq.mon_id 
_entity_poly_seq.hetero 
1 1  LEU n 
1 2  GLY n 
1 3  ALA n 
1 4  SER n 
1 5  TRP n 
1 6  HIS n 
1 7  ARG n 
1 8  PRO n 
1 9  ASP n 
1 10 LYS n 
1 11 CYS n 
1 12 CYS n 
1 13 LEU n 
1 14 GLY n 
1 15 TYR n 
1 16 GLN n 
1 17 LYS n 
1 18 ARG n 
1 19 PRO n 
1 20 LEU n 
1 21 PRO n 
1 22 GLN n 
1 23 VAL n 
1 24 LEU n 
1 25 LEU n 
1 26 SER n 
1 27 SER n 
1 28 TRP n 
1 29 TYR n 
1 30 PRO n 
1 31 THR n 
1 32 SER n 
1 33 GLN n 
1 34 LEU n 
1 35 CYS n 
1 36 SER n 
1 37 LYS n 
1 38 PRO n 
1 39 GLY n 
1 40 VAL n 
1 41 ILE n 
1 42 PHE n 
1 43 LEU n 
1 44 THR n 
1 45 LYS n 
1 46 ARG n 
1 47 GLY n 
1 48 ARG n 
1 49 GLN n 
1 50 VAL n 
1 51 CYS n 
1 52 ALA n 
1 53 ASP n 
1 54 LYS n 
1 55 SER n 
1 56 LYS n 
1 57 ASP n 
1 58 TRP n 
1 59 VAL n 
1 60 LYS n 
1 61 LYS n 
1 62 LEU n 
1 63 MET n 
1 64 GLN n 
1 65 GLN n 
1 66 LEU n 
1 67 PRO n 
1 68 VAL n 
1 69 THR n 
1 70 ALA n 
1 71 ARG n 
# 
_pdbx_entity_src_syn.entity_id              1 
_pdbx_entity_src_syn.pdbx_src_id            1 
_pdbx_entity_src_syn.pdbx_alt_source_flag   sample 
_pdbx_entity_src_syn.pdbx_beg_seq_num       ? 
_pdbx_entity_src_syn.pdbx_end_seq_num       ? 
_pdbx_entity_src_syn.organism_scientific    ? 
_pdbx_entity_src_syn.organism_common_name   ? 
_pdbx_entity_src_syn.ncbi_taxonomy_id       ? 
_pdbx_entity_src_syn.details                'This sequence occurs naturally in Human Herpesvirus 8' 
# 
loop_
_chem_comp.id 
_chem_comp.type 
_chem_comp.mon_nstd_flag 
_chem_comp.name 
_chem_comp.pdbx_synonyms 
_chem_comp.formula 
_chem_comp.formula_weight 
ALA 'L-peptide linking' y ALANINE         ? 'C3 H7 N O2'     89.093  
ARG 'L-peptide linking' y ARGININE        ? 'C6 H15 N4 O2 1' 175.209 
ASP 'L-peptide linking' y 'ASPARTIC ACID' ? 'C4 H7 N O4'     133.103 
CYS 'L-peptide linking' y CYSTEINE        ? 'C3 H7 N O2 S'   121.158 
GLN 'L-peptide linking' y GLUTAMINE       ? 'C5 H10 N2 O3'   146.144 
GLY 'peptide linking'   y GLYCINE         ? 'C2 H5 N O2'     75.067  
HIS 'L-peptide linking' y HISTIDINE       ? 'C6 H10 N3 O2 1' 156.162 
HOH non-polymer         . WATER           ? 'H2 O'           18.015  
ILE 'L-peptide linking' y ISOLEUCINE      ? 'C6 H13 N O2'    131.173 
LEU 'L-peptide linking' y LEUCINE         ? 'C6 H13 N O2'    131.173 
LYS 'L-peptide linking' y LYSINE          ? 'C6 H15 N2 O2 1' 147.195 
MET 'L-peptide linking' y METHIONINE      ? 'C5 H11 N O2 S'  149.211 
PHE 'L-peptide linking' y PHENYLALANINE   ? 'C9 H11 N O2'    165.189 
PRO 'L-peptide linking' y PROLINE         ? 'C5 H9 N O2'     115.130 
SER 'L-peptide linking' y SERINE          ? 'C3 H7 N O3'     105.093 
THR 'L-peptide linking' y THREONINE       ? 'C4 H9 N O3'     119.119 
TRP 'L-peptide linking' y TRYPTOPHAN      ? 'C11 H12 N2 O2'  204.225 
TYR 'L-peptide linking' y TYROSINE        ? 'C9 H11 N O3'    181.189 
VAL 'L-peptide linking' y VALINE          ? 'C5 H11 N O2'    117.146 
# 
loop_
_pdbx_poly_seq_scheme.asym_id 
_pdbx_poly_seq_scheme.entity_id 
_pdbx_poly_seq_scheme.seq_id 
_pdbx_poly_seq_scheme.mon_id 
_pdbx_poly_seq_scheme.ndb_seq_num 
_pdbx_poly_seq_scheme.pdb_seq_num 
_pdbx_poly_seq_scheme.auth_seq_num 
_pdbx_poly_seq_scheme.pdb_mon_id 
_pdbx_poly_seq_scheme.auth_mon_id 
_pdbx_poly_seq_scheme.pdb_strand_id 
_pdbx_poly_seq_scheme.pdb_ins_code 
_pdbx_poly_seq_scheme.hetero 
A 1 1  LEU 1  1  ?  ?   ?   A . n 
A 1 2  GLY 2  2  ?  ?   ?   A . n 
A 1 3  ALA 3  3  ?  ?   ?   A . n 
A 1 4  SER 4  4  4  SER SER A . n 
A 1 5  TRP 5  5  5  TRP TRP A . n 
A 1 6  HIS 6  6  6  HIS HIS A . n 
A 1 7  ARG 7  7  7  ARG ARG A . n 
A 1 8  PRO 8  8  8  PRO PRO A . n 
A 1 9  ASP 9  9  9  ASP ASP A . n 
A 1 10 LYS 10 10 10 LYS LYS A . n 
A 1 11 CYS 11 11 11 CYS CYS A . n 
A 1 12 CYS 12 12 12 CYS CYS A . n 
A 1 13 LEU 13 13 13 LEU LEU A . n 
A 1 14 GLY 14 14 14 GLY GLY A . n 
A 1 15 TYR 15 15 15 TYR TYR A . n 
A 1 16 GLN 16 16 16 GLN GLN A . n 
A 1 17 LYS 17 17 17 LYS LYS A . n 
A 1 18 ARG 18 18 18 ARG ARG A . n 
A 1 19 PRO 19 19 19 PRO PRO A . n 
A 1 20 LEU 20 20 20 LEU LEU A . n 
A 1 21 PRO 21 21 21 PRO PRO A . n 
A 1 22 GLN 22 22 22 GLN GLN A . n 
A 1 23 VAL 23 23 23 VAL VAL A . n 
A 1 24 LEU 24 24 24 LEU LEU A . n 
A 1 25 LEU 25 25 25 LEU LEU A . n 
A 1 26 SER 26 26 26 SER SER A . n 
A 1 27 SER 27 27 27 SER SER A . n 
A 1 28 TRP 28 28 28 TRP TRP A . n 
A 1 29 TYR 29 29 29 TYR TYR A . n 
A 1 30 PRO 30 30 30 PRO PRO A . n 
A 1 31 THR 31 31 31 THR THR A . n 
A 1 32 SER 32 32 32 SER SER A . n 
A 1 33 GLN 33 33 33 GLN GLN A . n 
A 1 34 LEU 34 34 34 LEU LEU A . n 
A 1 35 CYS 35 35 35 CYS CYS A . n 
A 1 36 SER 36 36 36 SER SER A . n 
A 1 37 LYS 37 37 37 LYS LYS A . n 
A 1 38 PRO 38 38 38 PRO PRO A . n 
A 1 39 GLY 39 39 39 GLY GLY A . n 
A 1 40 VAL 40 40 40 VAL VAL A . n 
A 1 41 ILE 41 41 41 ILE ILE A . n 
A 1 42 PHE 42 42 42 PHE PHE A . n 
A 1 43 LEU 43 43 43 LEU LEU A . n 
A 1 44 THR 44 44 44 THR THR A . n 
A 1 45 LYS 45 45 45 LYS LYS A . n 
A 1 46 ARG 46 46 46 ARG ARG A . n 
A 1 47 GLY 47 47 47 GLY GLY A . n 
A 1 48 ARG 48 48 48 ARG ARG A . n 
A 1 49 GLN 49 49 49 GLN GLN A . n 
A 1 50 VAL 50 50 50 VAL VAL A . n 
A 1 51 CYS 51 51 51 CYS CYS A . n 
A 1 52 ALA 52 52 52 ALA ALA A . n 
A 1 53 ASP 53 53 53 ASP ASP A . n 
A 1 54 LYS 54 54 54 LYS LYS A . n 
A 1 55 SER 55 55 55 SER SER A . n 
A 1 56 LYS 56 56 56 LYS LYS A . n 
A 1 57 ASP 57 57 57 ASP ASP A . n 
A 1 58 TRP 58 58 58 TRP TRP A . n 
A 1 59 VAL 59 59 59 VAL VAL A . n 
A 1 60 LYS 60 60 60 LYS LYS A . n 
A 1 61 LYS 61 61 61 LYS LYS A . n 
A 1 62 LEU 62 62 62 LEU LEU A . n 
A 1 63 MET 63 63 63 MET MET A . n 
A 1 64 GLN 64 64 64 GLN GLN A . n 
A 1 65 GLN 65 65 65 GLN GLN A . n 
A 1 66 LEU 66 66 66 LEU LEU A . n 
A 1 67 PRO 67 67 67 PRO PRO A . n 
A 1 68 VAL 68 68 68 VAL VAL A . n 
A 1 69 THR 69 69 69 THR THR A . n 
A 1 70 ALA 70 70 70 ALA ALA A . n 
A 1 71 ARG 71 71 71 ARG ARG A . n 
# 
loop_
_pdbx_nonpoly_scheme.asym_id 
_pdbx_nonpoly_scheme.entity_id 
_pdbx_nonpoly_scheme.mon_id 
_pdbx_nonpoly_scheme.ndb_seq_num 
_pdbx_nonpoly_scheme.pdb_seq_num 
_pdbx_nonpoly_scheme.auth_seq_num 
_pdbx_nonpoly_scheme.pdb_mon_id 
_pdbx_nonpoly_scheme.auth_mon_id 
_pdbx_nonpoly_scheme.pdb_strand_id 
_pdbx_nonpoly_scheme.pdb_ins_code 
B 2 HOH 1  72 1  HOH HOH A . 
B 2 HOH 2  73 2  HOH HOH A . 
B 2 HOH 3  74 3  HOH HOH A . 
B 2 HOH 4  75 4  HOH HOH A . 
B 2 HOH 5  76 5  HOH HOH A . 
B 2 HOH 6  77 6  HOH HOH A . 
B 2 HOH 7  78 7  HOH HOH A . 
B 2 HOH 8  79 8  HOH HOH A . 
B 2 HOH 9  80 9  HOH HOH A . 
B 2 HOH 10 81 10 HOH HOH A . 
B 2 HOH 11 82 11 HOH HOH A . 
B 2 HOH 12 83 12 HOH HOH A . 
B 2 HOH 13 84 13 HOH HOH A . 
B 2 HOH 14 85 14 HOH HOH A . 
B 2 HOH 15 86 15 HOH HOH A . 
B 2 HOH 16 87 16 HOH HOH A . 
B 2 HOH 17 88 17 HOH HOH A . 
B 2 HOH 18 89 18 HOH HOH A . 
B 2 HOH 19 90 19 HOH HOH A . 
B 2 HOH 20 91 20 HOH HOH A . 
B 2 HOH 21 92 21 HOH HOH A . 
B 2 HOH 22 93 22 HOH HOH A . 
B 2 HOH 23 94 23 HOH HOH A . 
B 2 HOH 24 95 24 HOH HOH A . 
B 2 HOH 25 96 25 HOH HOH A . 
B 2 HOH 26 97 26 HOH HOH A . 
B 2 HOH 27 98 27 HOH HOH A . 
# 
loop_
_pdbx_unobs_or_zero_occ_atoms.id 
_pdbx_unobs_or_zero_occ_atoms.PDB_model_num 
_pdbx_unobs_or_zero_occ_atoms.polymer_flag 
_pdbx_unobs_or_zero_occ_atoms.occupancy_flag 
_pdbx_unobs_or_zero_occ_atoms.auth_asym_id 
_pdbx_unobs_or_zero_occ_atoms.auth_comp_id 
_pdbx_unobs_or_zero_occ_atoms.auth_seq_id 
_pdbx_unobs_or_zero_occ_atoms.PDB_ins_code 
_pdbx_unobs_or_zero_occ_atoms.auth_atom_id 
_pdbx_unobs_or_zero_occ_atoms.label_alt_id 
_pdbx_unobs_or_zero_occ_atoms.label_asym_id 
_pdbx_unobs_or_zero_occ_atoms.label_comp_id 
_pdbx_unobs_or_zero_occ_atoms.label_seq_id 
_pdbx_unobs_or_zero_occ_atoms.label_atom_id 
1  1 Y 1 A SER 4  ? OG  ? A SER 4  OG  
2  1 Y 1 A TRP 5  ? CG  ? A TRP 5  CG  
3  1 Y 1 A TRP 5  ? CD1 ? A TRP 5  CD1 
4  1 Y 1 A TRP 5  ? CD2 ? A TRP 5  CD2 
5  1 Y 1 A TRP 5  ? NE1 ? A TRP 5  NE1 
6  1 Y 1 A TRP 5  ? CE2 ? A TRP 5  CE2 
7  1 Y 1 A TRP 5  ? CE3 ? A TRP 5  CE3 
8  1 Y 1 A TRP 5  ? CZ2 ? A TRP 5  CZ2 
9  1 Y 1 A TRP 5  ? CZ3 ? A TRP 5  CZ3 
10 1 Y 1 A TRP 5  ? CH2 ? A TRP 5  CH2 
11 1 Y 1 A ARG 7  ? CG  ? A ARG 7  CG  
12 1 Y 1 A ARG 7  ? CD  ? A ARG 7  CD  
13 1 Y 1 A ARG 7  ? NE  ? A ARG 7  NE  
14 1 Y 1 A ARG 7  ? CZ  ? A ARG 7  CZ  
15 1 Y 1 A ARG 7  ? NH1 ? A ARG 7  NH1 
16 1 Y 1 A ARG 7  ? NH2 ? A ARG 7  NH2 
17 1 Y 1 A ARG 71 ? CG  ? A ARG 71 CG  
18 1 Y 1 A ARG 71 ? CD  ? A ARG 71 CD  
19 1 Y 1 A ARG 71 ? NE  ? A ARG 71 NE  
20 1 Y 1 A ARG 71 ? CZ  ? A ARG 71 CZ  
21 1 Y 1 A ARG 71 ? NH1 ? A ARG 71 NH1 
22 1 Y 1 A ARG 71 ? NH2 ? A ARG 71 NH2 
# 
loop_
_software.name 
_software.version 
_software.date 
_software.type 
_software.contact_author 
_software.contact_author_email 
_software.classification 
_software.location 
_software.language 
_software.citation_id 
_software.pdbx_ordinal 
X-PLOR      3.851 ?               ?       ?                    ?                        refinement        ? ?          ? 1 
SCALEPACK   .     ?               package 'Zbyszek Otwinowski' zbyszek@mix.swmed.edu    'data scaling'    
http://www.lnls.br/infra/linhasluz/denzo-hkl.htm ?          ? 2 
AMoRE       .     ?               program 'Jorge Navaza'       ccp4@dl.ac.uk            phasing           
http://www.ccp4.ac.uk/main.html                  Fortran    ? 3 
CNS         .     ?               package 'Axel T. Brunger'    axel.brunger@yale.edu    refinement        
http://cns.csb.yale.edu/v1.1/                    Fortran_77 ? 4 
PDB_EXTRACT 1.701 'OCT. 28, 2005' package PDB                  sw-help@rcsb.rutgers.edu 'data extraction' 
http://pdb.rutgers.edu/software/                 C++        ? 5 
HKL-2000    .     ?               ?       ?                    ?                        'data reduction'  ? ?          ? 6 
DENZO       .     ?               package 'Zbyszek Otwinowski' zbyszek@mix.swmed.edu    'data reduction'  
http://www.lnls.br/infra/linhasluz/denzo-hkl.htm ?          ? 7 
# 
_cell.entry_id           2FHT 
_cell.length_a           45.750 
_cell.length_b           45.750 
_cell.length_c           66.360 
_cell.angle_alpha        90.00 
_cell.angle_beta         90.00 
_cell.angle_gamma        90.00 
_cell.Z_PDB              8 
_cell.pdbx_unique_axis   ? 
_cell.length_a_esd       ? 
_cell.length_b_esd       ? 
_cell.length_c_esd       ? 
_cell.angle_alpha_esd    ? 
_cell.angle_beta_esd     ? 
_cell.angle_gamma_esd    ? 
# 
_symmetry.entry_id                         2FHT 
_symmetry.space_group_name_H-M             'P 41 2 2' 
_symmetry.pdbx_full_space_group_name_H-M   ? 
_symmetry.cell_setting                     ? 
_symmetry.Int_Tables_number                91 
_symmetry.space_group_name_Hall            ? 
# 
_exptl.crystals_number   1 
_exptl.method            'X-RAY DIFFRACTION' 
_exptl.entry_id          2FHT 
# 
_exptl_crystal.id                    1 
_exptl_crystal.density_meas          ? 
_exptl_crystal.density_Matthews      2.13 
_exptl_crystal.density_percent_sol   42.27 
_exptl_crystal.description           ? 
_exptl_crystal.F_000                 ? 
_exptl_crystal.preparation           ? 
# 
_exptl_crystal_grow.crystal_id      1 
_exptl_crystal_grow.method          'VAPOR DIFFUSION, HANGING DROP' 
_exptl_crystal_grow.pH              5.6 
_exptl_crystal_grow.temp            298 
_exptl_crystal_grow.pdbx_details    
'0.1 M sodium citrate, 11% (w/v) PEG 4000, 11%(w/v) 2-propanol, pH 5.6, VAPOR DIFFUSION, HANGING DROP, temperature 298K' 
_exptl_crystal_grow.temp_details    ? 
_exptl_crystal_grow.pdbx_pH_range   . 
# 
loop_
_diffrn.id 
_diffrn.ambient_temp 
_diffrn.ambient_temp_details 
_diffrn.crystal_id 
1 100 ? 1 
2 ?   ? 1 
# 
_diffrn_detector.diffrn_id              1 
_diffrn_detector.detector               CCD 
_diffrn_detector.type                   CUSTOM-MADE 
_diffrn_detector.pdbx_collection_date   2003-04-13 
_diffrn_detector.details                ? 
# 
_diffrn_radiation.diffrn_id                        1 
_diffrn_radiation.pdbx_diffrn_protocol             'SINGLE WAVELENGTH' 
_diffrn_radiation.monochromator                    ? 
_diffrn_radiation.wavelength_id                    1 
_diffrn_radiation.pdbx_monochromatic_or_laue_m_l   M 
_diffrn_radiation.pdbx_scattering_type             x-ray 
# 
_diffrn_radiation_wavelength.id           1 
_diffrn_radiation_wavelength.wavelength   0.9559 
_diffrn_radiation_wavelength.wt           1.0 
# 
loop_
_diffrn_source.diffrn_id 
_diffrn_source.source 
_diffrn_source.type 
_diffrn_source.pdbx_wavelength_list 
_diffrn_source.pdbx_wavelength 
_diffrn_source.pdbx_synchrotron_site 
_diffrn_source.pdbx_synchrotron_beamline 
1 SYNCHROTRON 'APS BEAMLINE 19-BM' 0.9559 ? APS 19-BM 
2 ?           ?                    ?      ? ?   ?     
# 
_reflns.entry_id                     2FHT 
_reflns.d_resolution_low             50.00 
_reflns.d_resolution_high            1.70 
_reflns.number_obs                   5987 
_reflns.percent_possible_obs         98.600 
_reflns.pdbx_Rmerge_I_obs            0.058 
_reflns.pdbx_chi_squared             1.035 
_reflns.pdbx_redundancy              7.5 
_reflns.pdbx_scaling_rejects         ? 
_reflns.pdbx_netI_over_sigmaI        ? 
_reflns.pdbx_Rsym_value              ? 
_reflns.observed_criterion_sigma_F   1 
_reflns.observed_criterion_sigma_I   1 
_reflns.number_all                   7905 
_reflns.B_iso_Wilson_estimate        ? 
_reflns.R_free_details               ? 
_reflns.limit_h_max                  ? 
_reflns.limit_h_min                  ? 
_reflns.limit_k_max                  ? 
_reflns.limit_k_min                  ? 
_reflns.limit_l_max                  ? 
_reflns.limit_l_min                  ? 
_reflns.observed_criterion_F_max     ? 
_reflns.observed_criterion_F_min     ? 
_reflns.pdbx_diffrn_id               1 
_reflns.pdbx_ordinal                 1 
# 
_reflns_shell.d_res_low              1.76 
_reflns_shell.d_res_high             1.70 
_reflns_shell.number_unique_all      805 
_reflns_shell.percent_possible_all   99.900 
_reflns_shell.Rmerge_I_obs           0.688 
_reflns_shell.pdbx_chi_squared       0.498 
_reflns_shell.pdbx_redundancy        ? 
_reflns_shell.number_unique_obs      ? 
_reflns_shell.meanI_over_sigI_obs    ? 
_reflns_shell.pdbx_Rsym_value        ? 
_reflns_shell.percent_possible_obs   ? 
_reflns_shell.number_measured_all    ? 
_reflns_shell.number_measured_obs    ? 
_reflns_shell.pdbx_diffrn_id         ? 
_reflns_shell.pdbx_ordinal           1 
# 
_refine.B_iso_mean                               31.416 
_refine.entry_id                                 2FHT 
_refine.ls_d_res_high                            1.7 
_refine.ls_d_res_low                             6 
_refine.pdbx_ls_sigma_F                          4 
_refine.pdbx_ls_sigma_I                          ? 
_refine.ls_number_reflns_all                     7905 
_refine.ls_number_reflns_obs                     5987 
_refine.ls_number_reflns_R_free                  419 
_refine.ls_percent_reflns_obs                    ? 
_refine.ls_R_factor_all                          0.282 
_refine.ls_R_factor_obs                          0.242 
_refine.ls_R_factor_R_work                       0.239 
_refine.ls_R_factor_R_free                       0.331 
_refine.ls_redundancy_reflns_obs                 ? 
_refine.pdbx_data_cutoff_high_absF               ? 
_refine.pdbx_data_cutoff_low_absF                ? 
_refine.ls_number_parameters                     ? 
_refine.ls_number_restraints                     ? 
_refine.ls_percent_reflns_R_free                 ? 
_refine.ls_R_factor_R_free_error                 ? 
_refine.ls_R_factor_R_free_error_details         ? 
_refine.pdbx_method_to_determine_struct          'MOLECULAR REPLACEMENT' 
_refine.pdbx_starting_model                      'PDB Entry 1CM9' 
_refine.pdbx_ls_cross_valid_method               ? 
_refine.pdbx_R_Free_selection_details            random 
_refine.pdbx_stereochem_target_val_spec_case     ? 
_refine.pdbx_stereochemistry_target_values       'Engh & Huber' 
_refine.solvent_model_details                    ? 
_refine.solvent_model_param_bsol                 ? 
_refine.solvent_model_param_ksol                 ? 
_refine.occupancy_max                            ? 
_refine.occupancy_min                            ? 
_refine.pdbx_isotropic_thermal_model             ? 
_refine.aniso_B[1][1]                            ? 
_refine.aniso_B[1][2]                            ? 
_refine.aniso_B[1][3]                            ? 
_refine.aniso_B[2][2]                            ? 
_refine.aniso_B[2][3]                            ? 
_refine.aniso_B[3][3]                            ? 
_refine.details                                  ? 
_refine.B_iso_min                                ? 
_refine.B_iso_max                                ? 
_refine.correlation_coeff_Fo_to_Fc               ? 
_refine.correlation_coeff_Fo_to_Fc_free          ? 
_refine.pdbx_solvent_vdw_probe_radii             ? 
_refine.pdbx_solvent_ion_probe_radii             ? 
_refine.pdbx_solvent_shrinkage_radii             ? 
_refine.overall_SU_R_Cruickshank_DPI             ? 
_refine.overall_SU_R_free                        ? 
_refine.overall_SU_ML                            ? 
_refine.overall_SU_B                             ? 
_refine.pdbx_overall_ESU_R_Free                  ? 
_refine.pdbx_data_cutoff_high_rms_absF           ? 
_refine.pdbx_overall_ESU_R                       ? 
_refine.ls_wR_factor_R_free                      ? 
_refine.ls_wR_factor_R_work                      ? 
_refine.overall_FOM_free_R_set                   ? 
_refine.overall_FOM_work_R_set                   ? 
_refine.pdbx_refine_id                           'X-RAY DIFFRACTION' 
_refine.pdbx_diffrn_id                           1 
_refine.pdbx_TLS_residual_ADP_flag               ? 
_refine.pdbx_overall_phase_error                 ? 
_refine.pdbx_overall_SU_R_free_Cruickshank_DPI   ? 
_refine.pdbx_overall_SU_R_Blow_DPI               ? 
_refine.pdbx_overall_SU_R_free_Blow_DPI          ? 
# 
_refine_hist.pdbx_refine_id                   'X-RAY DIFFRACTION' 
_refine_hist.cycle_id                         LAST 
_refine_hist.pdbx_number_atoms_protein        531 
_refine_hist.pdbx_number_atoms_nucleic_acid   0 
_refine_hist.pdbx_number_atoms_ligand         0 
_refine_hist.number_atoms_solvent             27 
_refine_hist.number_atoms_total               558 
_refine_hist.d_res_high                       1.7 
_refine_hist.d_res_low                        6 
# 
loop_
_refine_ls_restr.type 
_refine_ls_restr.dev_ideal 
_refine_ls_restr.dev_ideal_target 
_refine_ls_restr.number 
_refine_ls_restr.weight 
_refine_ls_restr.pdbx_refine_id 
_refine_ls_restr.pdbx_restraint_function 
x_bond_d    0.010 ? ? ? 'X-RAY DIFFRACTION' ? 
x_angle_deg 1.589 ? ? ? 'X-RAY DIFFRACTION' ? 
# 
_struct.entry_id                  2FHT 
_struct.title                     'Crystal Structure of Viral Macrophage Inflammatory Protein-II' 
_struct.pdbx_model_details        ? 
_struct.pdbx_CASP_flag            ? 
_struct.pdbx_model_type_details   ? 
# 
_struct_keywords.text            'chemokine, herpesvirus, anti-HIV' 
_struct_keywords.entry_id        2FHT 
_struct_keywords.pdbx_keywords   CHEMOKINE 
# 
loop_
_struct_asym.id 
_struct_asym.pdbx_blank_PDB_chainid_flag 
_struct_asym.pdbx_modified 
_struct_asym.entity_id 
_struct_asym.details 
A N N 1 ? 
B N N 2 ? 
# 
_struct_ref.id                         1 
_struct_ref.db_name                    UNP 
_struct_ref.db_code                    VMI2_HHV8 
_struct_ref.pdbx_db_accession          Q98157 
_struct_ref.entity_id                  1 
_struct_ref.pdbx_seq_one_letter_code   LGASWHRPDKCCLGYQKRPLPQVLLSSWYPTSQLCSKPGVIFLTKRGRQVCADKSKDWVKKLMQQLPVTAR 
_struct_ref.pdbx_align_begin           24 
_struct_ref.pdbx_db_isoform            ? 
# 
_struct_ref_seq.align_id                      1 
_struct_ref_seq.ref_id                        1 
_struct_ref_seq.pdbx_PDB_id_code              2FHT 
_struct_ref_seq.pdbx_strand_id                A 
_struct_ref_seq.seq_align_beg                 1 
_struct_ref_seq.pdbx_seq_align_beg_ins_code   ? 
_struct_ref_seq.seq_align_end                 71 
_struct_ref_seq.pdbx_seq_align_end_ins_code   ? 
_struct_ref_seq.pdbx_db_accession             Q98157 
_struct_ref_seq.db_align_beg                  24 
_struct_ref_seq.pdbx_db_align_beg_ins_code    ? 
_struct_ref_seq.db_align_end                  94 
_struct_ref_seq.pdbx_db_align_end_ins_code    ? 
_struct_ref_seq.pdbx_auth_seq_align_beg       1 
_struct_ref_seq.pdbx_auth_seq_align_end       71 
# 
_pdbx_struct_assembly.id                   1 
_pdbx_struct_assembly.details              author_defined_assembly 
_pdbx_struct_assembly.method_details       ? 
_pdbx_struct_assembly.oligomeric_details   monomeric 
_pdbx_struct_assembly.oligomeric_count     1 
# 
_pdbx_struct_assembly_gen.assembly_id       1 
_pdbx_struct_assembly_gen.oper_expression   1 
_pdbx_struct_assembly_gen.asym_id_list      A,B 
# 
_pdbx_struct_oper_list.id                   1 
_pdbx_struct_oper_list.type                 'identity operation' 
_pdbx_struct_oper_list.name                 1_555 
_pdbx_struct_oper_list.symmetry_operation   x,y,z 
_pdbx_struct_oper_list.matrix[1][1]         1.0000000000 
_pdbx_struct_oper_list.matrix[1][2]         0.0000000000 
_pdbx_struct_oper_list.matrix[1][3]         0.0000000000 
_pdbx_struct_oper_list.vector[1]            0.0000000000 
_pdbx_struct_oper_list.matrix[2][1]         0.0000000000 
_pdbx_struct_oper_list.matrix[2][2]         1.0000000000 
_pdbx_struct_oper_list.matrix[2][3]         0.0000000000 
_pdbx_struct_oper_list.vector[2]            0.0000000000 
_pdbx_struct_oper_list.matrix[3][1]         0.0000000000 
_pdbx_struct_oper_list.matrix[3][2]         0.0000000000 
_pdbx_struct_oper_list.matrix[3][3]         1.0000000000 
_pdbx_struct_oper_list.vector[3]            0.0000000000 
# 
loop_
_struct_conf.conf_type_id 
_struct_conf.id 
_struct_conf.pdbx_PDB_helix_id 
_struct_conf.beg_label_comp_id 
_struct_conf.beg_label_asym_id 
_struct_conf.beg_label_seq_id 
_struct_conf.pdbx_beg_PDB_ins_code 
_struct_conf.end_label_comp_id 
_struct_conf.end_label_asym_id 
_struct_conf.end_label_seq_id 
_struct_conf.pdbx_end_PDB_ins_code 
_struct_conf.beg_auth_comp_id 
_struct_conf.beg_auth_asym_id 
_struct_conf.beg_auth_seq_id 
_struct_conf.end_auth_comp_id 
_struct_conf.end_auth_asym_id 
_struct_conf.end_auth_seq_id 
_struct_conf.pdbx_PDB_helix_class 
_struct_conf.details 
_struct_conf.pdbx_PDB_helix_length 
HELX_P HELX_P1 1 PRO A 21 ? VAL A 23 ? PRO A 21 VAL A 23 5 ? 3  
HELX_P HELX_P2 2 LYS A 56 ? LEU A 66 ? LYS A 56 LEU A 66 1 ? 11 
# 
_struct_conf_type.id          HELX_P 
_struct_conf_type.criteria    ? 
_struct_conf_type.reference   ? 
# 
loop_
_struct_conn.id 
_struct_conn.conn_type_id 
_struct_conn.pdbx_leaving_atom_flag 
_struct_conn.pdbx_PDB_id 
_struct_conn.ptnr1_label_asym_id 
_struct_conn.ptnr1_label_comp_id 
_struct_conn.ptnr1_label_seq_id 
_struct_conn.ptnr1_label_atom_id 
_struct_conn.pdbx_ptnr1_label_alt_id 
_struct_conn.pdbx_ptnr1_PDB_ins_code 
_struct_conn.pdbx_ptnr1_standard_comp_id 
_struct_conn.ptnr1_symmetry 
_struct_conn.ptnr2_label_asym_id 
_struct_conn.ptnr2_label_comp_id 
_struct_conn.ptnr2_label_seq_id 
_struct_conn.ptnr2_label_atom_id 
_struct_conn.pdbx_ptnr2_label_alt_id 
_struct_conn.pdbx_ptnr2_PDB_ins_code 
_struct_conn.ptnr1_auth_asym_id 
_struct_conn.ptnr1_auth_comp_id 
_struct_conn.ptnr1_auth_seq_id 
_struct_conn.ptnr2_auth_asym_id 
_struct_conn.ptnr2_auth_comp_id 
_struct_conn.ptnr2_auth_seq_id 
_struct_conn.ptnr2_symmetry 
_struct_conn.pdbx_ptnr3_label_atom_id 
_struct_conn.pdbx_ptnr3_label_seq_id 
_struct_conn.pdbx_ptnr3_label_comp_id 
_struct_conn.pdbx_ptnr3_label_asym_id 
_struct_conn.pdbx_ptnr3_label_alt_id 
_struct_conn.pdbx_ptnr3_PDB_ins_code 
_struct_conn.details 
_struct_conn.pdbx_dist_value 
_struct_conn.pdbx_value_order 
_struct_conn.pdbx_role 
disulf1 disulf ? ? A CYS 11 SG ? ? ? 1_555 A CYS 35 SG ? ? A CYS 11 A CYS 35 1_555 ? ? ? ? ? ? ? 2.018 ? ? 
disulf2 disulf ? ? A CYS 12 SG ? ? ? 1_555 A CYS 51 SG ? ? A CYS 12 A CYS 51 1_555 ? ? ? ? ? ? ? 2.054 ? ? 
# 
_struct_conn_type.id          disulf 
_struct_conn_type.criteria    ? 
_struct_conn_type.reference   ? 
# 
loop_
_pdbx_modification_feature.ordinal 
_pdbx_modification_feature.label_comp_id 
_pdbx_modification_feature.label_asym_id 
_pdbx_modification_feature.label_seq_id 
_pdbx_modification_feature.label_alt_id 
_pdbx_modification_feature.modified_residue_label_comp_id 
_pdbx_modification_feature.modified_residue_label_asym_id 
_pdbx_modification_feature.modified_residue_label_seq_id 
_pdbx_modification_feature.modified_residue_label_alt_id 
_pdbx_modification_feature.auth_comp_id 
_pdbx_modification_feature.auth_asym_id 
_pdbx_modification_feature.auth_seq_id 
_pdbx_modification_feature.PDB_ins_code 
_pdbx_modification_feature.symmetry 
_pdbx_modification_feature.modified_residue_auth_comp_id 
_pdbx_modification_feature.modified_residue_auth_asym_id 
_pdbx_modification_feature.modified_residue_auth_seq_id 
_pdbx_modification_feature.modified_residue_PDB_ins_code 
_pdbx_modification_feature.modified_residue_symmetry 
_pdbx_modification_feature.comp_id_linking_atom 
_pdbx_modification_feature.modified_residue_id_linking_atom 
_pdbx_modification_feature.modified_residue_id 
_pdbx_modification_feature.ref_pcm_id 
_pdbx_modification_feature.ref_comp_id 
_pdbx_modification_feature.type 
_pdbx_modification_feature.category 
1 CYS A 11 ? CYS A 35 ? CYS A 11 ? 1_555 CYS A 35 ? 1_555 SG SG . . . None 'Disulfide bridge' 
2 CYS A 12 ? CYS A 51 ? CYS A 12 ? 1_555 CYS A 51 ? 1_555 SG SG . . . None 'Disulfide bridge' 
# 
_struct_sheet.id               A 
_struct_sheet.type             ? 
_struct_sheet.number_strands   3 
_struct_sheet.details          ? 
# 
loop_
_struct_sheet_order.sheet_id 
_struct_sheet_order.range_id_1 
_struct_sheet_order.range_id_2 
_struct_sheet_order.offset 
_struct_sheet_order.sense 
A 1 2 ? anti-parallel 
A 2 3 ? anti-parallel 
# 
loop_
_struct_sheet_range.sheet_id 
_struct_sheet_range.id 
_struct_sheet_range.beg_label_comp_id 
_struct_sheet_range.beg_label_asym_id 
_struct_sheet_range.beg_label_seq_id 
_struct_sheet_range.pdbx_beg_PDB_ins_code 
_struct_sheet_range.end_label_comp_id 
_struct_sheet_range.end_label_asym_id 
_struct_sheet_range.end_label_seq_id 
_struct_sheet_range.pdbx_end_PDB_ins_code 
_struct_sheet_range.beg_auth_comp_id 
_struct_sheet_range.beg_auth_asym_id 
_struct_sheet_range.beg_auth_seq_id 
_struct_sheet_range.end_auth_comp_id 
_struct_sheet_range.end_auth_asym_id 
_struct_sheet_range.end_auth_seq_id 
A 1 LEU A 25 ? PRO A 30 ? LEU A 25 PRO A 30 
A 2 GLY A 39 ? THR A 44 ? GLY A 39 THR A 44 
A 3 GLN A 49 ? ASP A 53 ? GLN A 49 ASP A 53 
# 
loop_
_pdbx_struct_sheet_hbond.sheet_id 
_pdbx_struct_sheet_hbond.range_id_1 
_pdbx_struct_sheet_hbond.range_id_2 
_pdbx_struct_sheet_hbond.range_1_label_atom_id 
_pdbx_struct_sheet_hbond.range_1_label_comp_id 
_pdbx_struct_sheet_hbond.range_1_label_asym_id 
_pdbx_struct_sheet_hbond.range_1_label_seq_id 
_pdbx_struct_sheet_hbond.range_1_PDB_ins_code 
_pdbx_struct_sheet_hbond.range_1_auth_atom_id 
_pdbx_struct_sheet_hbond.range_1_auth_comp_id 
_pdbx_struct_sheet_hbond.range_1_auth_asym_id 
_pdbx_struct_sheet_hbond.range_1_auth_seq_id 
_pdbx_struct_sheet_hbond.range_2_label_atom_id 
_pdbx_struct_sheet_hbond.range_2_label_comp_id 
_pdbx_struct_sheet_hbond.range_2_label_asym_id 
_pdbx_struct_sheet_hbond.range_2_label_seq_id 
_pdbx_struct_sheet_hbond.range_2_PDB_ins_code 
_pdbx_struct_sheet_hbond.range_2_auth_atom_id 
_pdbx_struct_sheet_hbond.range_2_auth_comp_id 
_pdbx_struct_sheet_hbond.range_2_auth_asym_id 
_pdbx_struct_sheet_hbond.range_2_auth_seq_id 
A 1 2 N SER A 27 ? N SER A 27 O LEU A 43 ? O LEU A 43 
A 2 3 N PHE A 42 ? N PHE A 42 O VAL A 50 ? O VAL A 50 
# 
_pdbx_entry_details.entry_id                   2FHT 
_pdbx_entry_details.compound_details           ? 
_pdbx_entry_details.source_details             ? 
_pdbx_entry_details.nonpolymer_details         ? 
_pdbx_entry_details.sequence_details           ? 
_pdbx_entry_details.has_ligand_of_interest     ? 
_pdbx_entry_details.has_protein_modification   Y 
# 
_pdbx_validate_torsion.id              1 
_pdbx_validate_torsion.PDB_model_num   1 
_pdbx_validate_torsion.auth_comp_id    TRP 
_pdbx_validate_torsion.auth_asym_id    A 
_pdbx_validate_torsion.auth_seq_id     5 
_pdbx_validate_torsion.PDB_ins_code    ? 
_pdbx_validate_torsion.label_alt_id    ? 
_pdbx_validate_torsion.phi             59.55 
_pdbx_validate_torsion.psi             159.03 
# 
_pdbx_phasing_MR.entry_id                     2FHT 
_pdbx_phasing_MR.method_rotation              ? 
_pdbx_phasing_MR.method_translation           ? 
_pdbx_phasing_MR.model_details                ? 
_pdbx_phasing_MR.R_factor                     45.700 
_pdbx_phasing_MR.R_rigid_body                 ? 
_pdbx_phasing_MR.correlation_coeff_Fo_to_Fc   60.300 
_pdbx_phasing_MR.correlation_coeff_Io_to_Ic   53.300 
_pdbx_phasing_MR.d_res_high_rotation          3.000 
_pdbx_phasing_MR.d_res_low_rotation           30.000 
_pdbx_phasing_MR.d_res_high_translation       3.000 
_pdbx_phasing_MR.d_res_low_translation        10.000 
_pdbx_phasing_MR.packing                      ? 
_pdbx_phasing_MR.reflns_percent_rotation      ? 
_pdbx_phasing_MR.reflns_percent_translation   ? 
_pdbx_phasing_MR.sigma_F_rotation             ? 
_pdbx_phasing_MR.sigma_F_translation          ? 
_pdbx_phasing_MR.sigma_I_rotation             ? 
_pdbx_phasing_MR.sigma_I_translation          ? 
# 
loop_
_pdbx_unobs_or_zero_occ_residues.id 
_pdbx_unobs_or_zero_occ_residues.PDB_model_num 
_pdbx_unobs_or_zero_occ_residues.polymer_flag 
_pdbx_unobs_or_zero_occ_residues.occupancy_flag 
_pdbx_unobs_or_zero_occ_residues.auth_asym_id 
_pdbx_unobs_or_zero_occ_residues.auth_comp_id 
_pdbx_unobs_or_zero_occ_residues.auth_seq_id 
_pdbx_unobs_or_zero_occ_residues.PDB_ins_code 
_pdbx_unobs_or_zero_occ_residues.label_asym_id 
_pdbx_unobs_or_zero_occ_residues.label_comp_id 
_pdbx_unobs_or_zero_occ_residues.label_seq_id 
1 1 Y 1 A LEU 1 ? A LEU 1 
2 1 Y 1 A GLY 2 ? A GLY 2 
3 1 Y 1 A ALA 3 ? A ALA 3 
# 
loop_
_chem_comp_atom.comp_id 
_chem_comp_atom.atom_id 
_chem_comp_atom.type_symbol 
_chem_comp_atom.pdbx_aromatic_flag 
_chem_comp_atom.pdbx_stereo_config 
_chem_comp_atom.pdbx_ordinal 
ALA N    N N N 1   
ALA CA   C N S 2   
ALA C    C N N 3   
ALA O    O N N 4   
ALA CB   C N N 5   
ALA OXT  O N N 6   
ALA H    H N N 7   
ALA H2   H N N 8   
ALA HA   H N N 9   
ALA HB1  H N N 10  
ALA HB2  H N N 11  
ALA HB3  H N N 12  
ALA HXT  H N N 13  
ARG N    N N N 14  
ARG CA   C N S 15  
ARG C    C N N 16  
ARG O    O N N 17  
ARG CB   C N N 18  
ARG CG   C N N 19  
ARG CD   C N N 20  
ARG NE   N N N 21  
ARG CZ   C N N 22  
ARG NH1  N N N 23  
ARG NH2  N N N 24  
ARG OXT  O N N 25  
ARG H    H N N 26  
ARG H2   H N N 27  
ARG HA   H N N 28  
ARG HB2  H N N 29  
ARG HB3  H N N 30  
ARG HG2  H N N 31  
ARG HG3  H N N 32  
ARG HD2  H N N 33  
ARG HD3  H N N 34  
ARG HE   H N N 35  
ARG HH11 H N N 36  
ARG HH12 H N N 37  
ARG HH21 H N N 38  
ARG HH22 H N N 39  
ARG HXT  H N N 40  
ASP N    N N N 41  
ASP CA   C N S 42  
ASP C    C N N 43  
ASP O    O N N 44  
ASP CB   C N N 45  
ASP CG   C N N 46  
ASP OD1  O N N 47  
ASP OD2  O N N 48  
ASP OXT  O N N 49  
ASP H    H N N 50  
ASP H2   H N N 51  
ASP HA   H N N 52  
ASP HB2  H N N 53  
ASP HB3  H N N 54  
ASP HD2  H N N 55  
ASP HXT  H N N 56  
CYS N    N N N 57  
CYS CA   C N R 58  
CYS C    C N N 59  
CYS O    O N N 60  
CYS CB   C N N 61  
CYS SG   S N N 62  
CYS OXT  O N N 63  
CYS H    H N N 64  
CYS H2   H N N 65  
CYS HA   H N N 66  
CYS HB2  H N N 67  
CYS HB3  H N N 68  
CYS HG   H N N 69  
CYS HXT  H N N 70  
GLN N    N N N 71  
GLN CA   C N S 72  
GLN C    C N N 73  
GLN O    O N N 74  
GLN CB   C N N 75  
GLN CG   C N N 76  
GLN CD   C N N 77  
GLN OE1  O N N 78  
GLN NE2  N N N 79  
GLN OXT  O N N 80  
GLN H    H N N 81  
GLN H2   H N N 82  
GLN HA   H N N 83  
GLN HB2  H N N 84  
GLN HB3  H N N 85  
GLN HG2  H N N 86  
GLN HG3  H N N 87  
GLN HE21 H N N 88  
GLN HE22 H N N 89  
GLN HXT  H N N 90  
GLY N    N N N 91  
GLY CA   C N N 92  
GLY C    C N N 93  
GLY O    O N N 94  
GLY OXT  O N N 95  
GLY H    H N N 96  
GLY H2   H N N 97  
GLY HA2  H N N 98  
GLY HA3  H N N 99  
GLY HXT  H N N 100 
HIS N    N N N 101 
HIS CA   C N S 102 
HIS C    C N N 103 
HIS O    O N N 104 
HIS CB   C N N 105 
HIS CG   C Y N 106 
HIS ND1  N Y N 107 
HIS CD2  C Y N 108 
HIS CE1  C Y N 109 
HIS NE2  N Y N 110 
HIS OXT  O N N 111 
HIS H    H N N 112 
HIS H2   H N N 113 
HIS HA   H N N 114 
HIS HB2  H N N 115 
HIS HB3  H N N 116 
HIS HD1  H N N 117 
HIS HD2  H N N 118 
HIS HE1  H N N 119 
HIS HE2  H N N 120 
HIS HXT  H N N 121 
HOH O    O N N 122 
HOH H1   H N N 123 
HOH H2   H N N 124 
ILE N    N N N 125 
ILE CA   C N S 126 
ILE C    C N N 127 
ILE O    O N N 128 
ILE CB   C N S 129 
ILE CG1  C N N 130 
ILE CG2  C N N 131 
ILE CD1  C N N 132 
ILE OXT  O N N 133 
ILE H    H N N 134 
ILE H2   H N N 135 
ILE HA   H N N 136 
ILE HB   H N N 137 
ILE HG12 H N N 138 
ILE HG13 H N N 139 
ILE HG21 H N N 140 
ILE HG22 H N N 141 
ILE HG23 H N N 142 
ILE HD11 H N N 143 
ILE HD12 H N N 144 
ILE HD13 H N N 145 
ILE HXT  H N N 146 
LEU N    N N N 147 
LEU CA   C N S 148 
LEU C    C N N 149 
LEU O    O N N 150 
LEU CB   C N N 151 
LEU CG   C N N 152 
LEU CD1  C N N 153 
LEU CD2  C N N 154 
LEU OXT  O N N 155 
LEU H    H N N 156 
LEU H2   H N N 157 
LEU HA   H N N 158 
LEU HB2  H N N 159 
LEU HB3  H N N 160 
LEU HG   H N N 161 
LEU HD11 H N N 162 
LEU HD12 H N N 163 
LEU HD13 H N N 164 
LEU HD21 H N N 165 
LEU HD22 H N N 166 
LEU HD23 H N N 167 
LEU HXT  H N N 168 
LYS N    N N N 169 
LYS CA   C N S 170 
LYS C    C N N 171 
LYS O    O N N 172 
LYS CB   C N N 173 
LYS CG   C N N 174 
LYS CD   C N N 175 
LYS CE   C N N 176 
LYS NZ   N N N 177 
LYS OXT  O N N 178 
LYS H    H N N 179 
LYS H2   H N N 180 
LYS HA   H N N 181 
LYS HB2  H N N 182 
LYS HB3  H N N 183 
LYS HG2  H N N 184 
LYS HG3  H N N 185 
LYS HD2  H N N 186 
LYS HD3  H N N 187 
LYS HE2  H N N 188 
LYS HE3  H N N 189 
LYS HZ1  H N N 190 
LYS HZ2  H N N 191 
LYS HZ3  H N N 192 
LYS HXT  H N N 193 
MET N    N N N 194 
MET CA   C N S 195 
MET C    C N N 196 
MET O    O N N 197 
MET CB   C N N 198 
MET CG   C N N 199 
MET SD   S N N 200 
MET CE   C N N 201 
MET OXT  O N N 202 
MET H    H N N 203 
MET H2   H N N 204 
MET HA   H N N 205 
MET HB2  H N N 206 
MET HB3  H N N 207 
MET HG2  H N N 208 
MET HG3  H N N 209 
MET HE1  H N N 210 
MET HE2  H N N 211 
MET HE3  H N N 212 
MET HXT  H N N 213 
PHE N    N N N 214 
PHE CA   C N S 215 
PHE C    C N N 216 
PHE O    O N N 217 
PHE CB   C N N 218 
PHE CG   C Y N 219 
PHE CD1  C Y N 220 
PHE CD2  C Y N 221 
PHE CE1  C Y N 222 
PHE CE2  C Y N 223 
PHE CZ   C Y N 224 
PHE OXT  O N N 225 
PHE H    H N N 226 
PHE H2   H N N 227 
PHE HA   H N N 228 
PHE HB2  H N N 229 
PHE HB3  H N N 230 
PHE HD1  H N N 231 
PHE HD2  H N N 232 
PHE HE1  H N N 233 
PHE HE2  H N N 234 
PHE HZ   H N N 235 
PHE HXT  H N N 236 
PRO N    N N N 237 
PRO CA   C N S 238 
PRO C    C N N 239 
PRO O    O N N 240 
PRO CB   C N N 241 
PRO CG   C N N 242 
PRO CD   C N N 243 
PRO OXT  O N N 244 
PRO H    H N N 245 
PRO HA   H N N 246 
PRO HB2  H N N 247 
PRO HB3  H N N 248 
PRO HG2  H N N 249 
PRO HG3  H N N 250 
PRO HD2  H N N 251 
PRO HD3  H N N 252 
PRO HXT  H N N 253 
SER N    N N N 254 
SER CA   C N S 255 
SER C    C N N 256 
SER O    O N N 257 
SER CB   C N N 258 
SER OG   O N N 259 
SER OXT  O N N 260 
SER H    H N N 261 
SER H2   H N N 262 
SER HA   H N N 263 
SER HB2  H N N 264 
SER HB3  H N N 265 
SER HG   H N N 266 
SER HXT  H N N 267 
THR N    N N N 268 
THR CA   C N S 269 
THR C    C N N 270 
THR O    O N N 271 
THR CB   C N R 272 
THR OG1  O N N 273 
THR CG2  C N N 274 
THR OXT  O N N 275 
THR H    H N N 276 
THR H2   H N N 277 
THR HA   H N N 278 
THR HB   H N N 279 
THR HG1  H N N 280 
THR HG21 H N N 281 
THR HG22 H N N 282 
THR HG23 H N N 283 
THR HXT  H N N 284 
TRP N    N N N 285 
TRP CA   C N S 286 
TRP C    C N N 287 
TRP O    O N N 288 
TRP CB   C N N 289 
TRP CG   C Y N 290 
TRP CD1  C Y N 291 
TRP CD2  C Y N 292 
TRP NE1  N Y N 293 
TRP CE2  C Y N 294 
TRP CE3  C Y N 295 
TRP CZ2  C Y N 296 
TRP CZ3  C Y N 297 
TRP CH2  C Y N 298 
TRP OXT  O N N 299 
TRP H    H N N 300 
TRP H2   H N N 301 
TRP HA   H N N 302 
TRP HB2  H N N 303 
TRP HB3  H N N 304 
TRP HD1  H N N 305 
TRP HE1  H N N 306 
TRP HE3  H N N 307 
TRP HZ2  H N N 308 
TRP HZ3  H N N 309 
TRP HH2  H N N 310 
TRP HXT  H N N 311 
TYR N    N N N 312 
TYR CA   C N S 313 
TYR C    C N N 314 
TYR O    O N N 315 
TYR CB   C N N 316 
TYR CG   C Y N 317 
TYR CD1  C Y N 318 
TYR CD2  C Y N 319 
TYR CE1  C Y N 320 
TYR CE2  C Y N 321 
TYR CZ   C Y N 322 
TYR OH   O N N 323 
TYR OXT  O N N 324 
TYR H    H N N 325 
TYR H2   H N N 326 
TYR HA   H N N 327 
TYR HB2  H N N 328 
TYR HB3  H N N 329 
TYR HD1  H N N 330 
TYR HD2  H N N 331 
TYR HE1  H N N 332 
TYR HE2  H N N 333 
TYR HH   H N N 334 
TYR HXT  H N N 335 
VAL N    N N N 336 
VAL CA   C N S 337 
VAL C    C N N 338 
VAL O    O N N 339 
VAL CB   C N N 340 
VAL CG1  C N N 341 
VAL CG2  C N N 342 
VAL OXT  O N N 343 
VAL H    H N N 344 
VAL H2   H N N 345 
VAL HA   H N N 346 
VAL HB   H N N 347 
VAL HG11 H N N 348 
VAL HG12 H N N 349 
VAL HG13 H N N 350 
VAL HG21 H N N 351 
VAL HG22 H N N 352 
VAL HG23 H N N 353 
VAL HXT  H N N 354 
# 
loop_
_chem_comp_bond.comp_id 
_chem_comp_bond.atom_id_1 
_chem_comp_bond.atom_id_2 
_chem_comp_bond.value_order 
_chem_comp_bond.pdbx_aromatic_flag 
_chem_comp_bond.pdbx_stereo_config 
_chem_comp_bond.pdbx_ordinal 
ALA N   CA   sing N N 1   
ALA N   H    sing N N 2   
ALA N   H2   sing N N 3   
ALA CA  C    sing N N 4   
ALA CA  CB   sing N N 5   
ALA CA  HA   sing N N 6   
ALA C   O    doub N N 7   
ALA C   OXT  sing N N 8   
ALA CB  HB1  sing N N 9   
ALA CB  HB2  sing N N 10  
ALA CB  HB3  sing N N 11  
ALA OXT HXT  sing N N 12  
ARG N   CA   sing N N 13  
ARG N   H    sing N N 14  
ARG N   H2   sing N N 15  
ARG CA  C    sing N N 16  
ARG CA  CB   sing N N 17  
ARG CA  HA   sing N N 18  
ARG C   O    doub N N 19  
ARG C   OXT  sing N N 20  
ARG CB  CG   sing N N 21  
ARG CB  HB2  sing N N 22  
ARG CB  HB3  sing N N 23  
ARG CG  CD   sing N N 24  
ARG CG  HG2  sing N N 25  
ARG CG  HG3  sing N N 26  
ARG CD  NE   sing N N 27  
ARG CD  HD2  sing N N 28  
ARG CD  HD3  sing N N 29  
ARG NE  CZ   sing N N 30  
ARG NE  HE   sing N N 31  
ARG CZ  NH1  sing N N 32  
ARG CZ  NH2  doub N N 33  
ARG NH1 HH11 sing N N 34  
ARG NH1 HH12 sing N N 35  
ARG NH2 HH21 sing N N 36  
ARG NH2 HH22 sing N N 37  
ARG OXT HXT  sing N N 38  
ASP N   CA   sing N N 39  
ASP N   H    sing N N 40  
ASP N   H2   sing N N 41  
ASP CA  C    sing N N 42  
ASP CA  CB   sing N N 43  
ASP CA  HA   sing N N 44  
ASP C   O    doub N N 45  
ASP C   OXT  sing N N 46  
ASP CB  CG   sing N N 47  
ASP CB  HB2  sing N N 48  
ASP CB  HB3  sing N N 49  
ASP CG  OD1  doub N N 50  
ASP CG  OD2  sing N N 51  
ASP OD2 HD2  sing N N 52  
ASP OXT HXT  sing N N 53  
CYS N   CA   sing N N 54  
CYS N   H    sing N N 55  
CYS N   H2   sing N N 56  
CYS CA  C    sing N N 57  
CYS CA  CB   sing N N 58  
CYS CA  HA   sing N N 59  
CYS C   O    doub N N 60  
CYS C   OXT  sing N N 61  
CYS CB  SG   sing N N 62  
CYS CB  HB2  sing N N 63  
CYS CB  HB3  sing N N 64  
CYS SG  HG   sing N N 65  
CYS OXT HXT  sing N N 66  
GLN N   CA   sing N N 67  
GLN N   H    sing N N 68  
GLN N   H2   sing N N 69  
GLN CA  C    sing N N 70  
GLN CA  CB   sing N N 71  
GLN CA  HA   sing N N 72  
GLN C   O    doub N N 73  
GLN C   OXT  sing N N 74  
GLN CB  CG   sing N N 75  
GLN CB  HB2  sing N N 76  
GLN CB  HB3  sing N N 77  
GLN CG  CD   sing N N 78  
GLN CG  HG2  sing N N 79  
GLN CG  HG3  sing N N 80  
GLN CD  OE1  doub N N 81  
GLN CD  NE2  sing N N 82  
GLN NE2 HE21 sing N N 83  
GLN NE2 HE22 sing N N 84  
GLN OXT HXT  sing N N 85  
GLY N   CA   sing N N 86  
GLY N   H    sing N N 87  
GLY N   H2   sing N N 88  
GLY CA  C    sing N N 89  
GLY CA  HA2  sing N N 90  
GLY CA  HA3  sing N N 91  
GLY C   O    doub N N 92  
GLY C   OXT  sing N N 93  
GLY OXT HXT  sing N N 94  
HIS N   CA   sing N N 95  
HIS N   H    sing N N 96  
HIS N   H2   sing N N 97  
HIS CA  C    sing N N 98  
HIS CA  CB   sing N N 99  
HIS CA  HA   sing N N 100 
HIS C   O    doub N N 101 
HIS C   OXT  sing N N 102 
HIS CB  CG   sing N N 103 
HIS CB  HB2  sing N N 104 
HIS CB  HB3  sing N N 105 
HIS CG  ND1  sing Y N 106 
HIS CG  CD2  doub Y N 107 
HIS ND1 CE1  doub Y N 108 
HIS ND1 HD1  sing N N 109 
HIS CD2 NE2  sing Y N 110 
HIS CD2 HD2  sing N N 111 
HIS CE1 NE2  sing Y N 112 
HIS CE1 HE1  sing N N 113 
HIS NE2 HE2  sing N N 114 
HIS OXT HXT  sing N N 115 
HOH O   H1   sing N N 116 
HOH O   H2   sing N N 117 
ILE N   CA   sing N N 118 
ILE N   H    sing N N 119 
ILE N   H2   sing N N 120 
ILE CA  C    sing N N 121 
ILE CA  CB   sing N N 122 
ILE CA  HA   sing N N 123 
ILE C   O    doub N N 124 
ILE C   OXT  sing N N 125 
ILE CB  CG1  sing N N 126 
ILE CB  CG2  sing N N 127 
ILE CB  HB   sing N N 128 
ILE CG1 CD1  sing N N 129 
ILE CG1 HG12 sing N N 130 
ILE CG1 HG13 sing N N 131 
ILE CG2 HG21 sing N N 132 
ILE CG2 HG22 sing N N 133 
ILE CG2 HG23 sing N N 134 
ILE CD1 HD11 sing N N 135 
ILE CD1 HD12 sing N N 136 
ILE CD1 HD13 sing N N 137 
ILE OXT HXT  sing N N 138 
LEU N   CA   sing N N 139 
LEU N   H    sing N N 140 
LEU N   H2   sing N N 141 
LEU CA  C    sing N N 142 
LEU CA  CB   sing N N 143 
LEU CA  HA   sing N N 144 
LEU C   O    doub N N 145 
LEU C   OXT  sing N N 146 
LEU CB  CG   sing N N 147 
LEU CB  HB2  sing N N 148 
LEU CB  HB3  sing N N 149 
LEU CG  CD1  sing N N 150 
LEU CG  CD2  sing N N 151 
LEU CG  HG   sing N N 152 
LEU CD1 HD11 sing N N 153 
LEU CD1 HD12 sing N N 154 
LEU CD1 HD13 sing N N 155 
LEU CD2 HD21 sing N N 156 
LEU CD2 HD22 sing N N 157 
LEU CD2 HD23 sing N N 158 
LEU OXT HXT  sing N N 159 
LYS N   CA   sing N N 160 
LYS N   H    sing N N 161 
LYS N   H2   sing N N 162 
LYS CA  C    sing N N 163 
LYS CA  CB   sing N N 164 
LYS CA  HA   sing N N 165 
LYS C   O    doub N N 166 
LYS C   OXT  sing N N 167 
LYS CB  CG   sing N N 168 
LYS CB  HB2  sing N N 169 
LYS CB  HB3  sing N N 170 
LYS CG  CD   sing N N 171 
LYS CG  HG2  sing N N 172 
LYS CG  HG3  sing N N 173 
LYS CD  CE   sing N N 174 
LYS CD  HD2  sing N N 175 
LYS CD  HD3  sing N N 176 
LYS CE  NZ   sing N N 177 
LYS CE  HE2  sing N N 178 
LYS CE  HE3  sing N N 179 
LYS NZ  HZ1  sing N N 180 
LYS NZ  HZ2  sing N N 181 
LYS NZ  HZ3  sing N N 182 
LYS OXT HXT  sing N N 183 
MET N   CA   sing N N 184 
MET N   H    sing N N 185 
MET N   H2   sing N N 186 
MET CA  C    sing N N 187 
MET CA  CB   sing N N 188 
MET CA  HA   sing N N 189 
MET C   O    doub N N 190 
MET C   OXT  sing N N 191 
MET CB  CG   sing N N 192 
MET CB  HB2  sing N N 193 
MET CB  HB3  sing N N 194 
MET CG  SD   sing N N 195 
MET CG  HG2  sing N N 196 
MET CG  HG3  sing N N 197 
MET SD  CE   sing N N 198 
MET CE  HE1  sing N N 199 
MET CE  HE2  sing N N 200 
MET CE  HE3  sing N N 201 
MET OXT HXT  sing N N 202 
PHE N   CA   sing N N 203 
PHE N   H    sing N N 204 
PHE N   H2   sing N N 205 
PHE CA  C    sing N N 206 
PHE CA  CB   sing N N 207 
PHE CA  HA   sing N N 208 
PHE C   O    doub N N 209 
PHE C   OXT  sing N N 210 
PHE CB  CG   sing N N 211 
PHE CB  HB2  sing N N 212 
PHE CB  HB3  sing N N 213 
PHE CG  CD1  doub Y N 214 
PHE CG  CD2  sing Y N 215 
PHE CD1 CE1  sing Y N 216 
PHE CD1 HD1  sing N N 217 
PHE CD2 CE2  doub Y N 218 
PHE CD2 HD2  sing N N 219 
PHE CE1 CZ   doub Y N 220 
PHE CE1 HE1  sing N N 221 
PHE CE2 CZ   sing Y N 222 
PHE CE2 HE2  sing N N 223 
PHE CZ  HZ   sing N N 224 
PHE OXT HXT  sing N N 225 
PRO N   CA   sing N N 226 
PRO N   CD   sing N N 227 
PRO N   H    sing N N 228 
PRO CA  C    sing N N 229 
PRO CA  CB   sing N N 230 
PRO CA  HA   sing N N 231 
PRO C   O    doub N N 232 
PRO C   OXT  sing N N 233 
PRO CB  CG   sing N N 234 
PRO CB  HB2  sing N N 235 
PRO CB  HB3  sing N N 236 
PRO CG  CD   sing N N 237 
PRO CG  HG2  sing N N 238 
PRO CG  HG3  sing N N 239 
PRO CD  HD2  sing N N 240 
PRO CD  HD3  sing N N 241 
PRO OXT HXT  sing N N 242 
SER N   CA   sing N N 243 
SER N   H    sing N N 244 
SER N   H2   sing N N 245 
SER CA  C    sing N N 246 
SER CA  CB   sing N N 247 
SER CA  HA   sing N N 248 
SER C   O    doub N N 249 
SER C   OXT  sing N N 250 
SER CB  OG   sing N N 251 
SER CB  HB2  sing N N 252 
SER CB  HB3  sing N N 253 
SER OG  HG   sing N N 254 
SER OXT HXT  sing N N 255 
THR N   CA   sing N N 256 
THR N   H    sing N N 257 
THR N   H2   sing N N 258 
THR CA  C    sing N N 259 
THR CA  CB   sing N N 260 
THR CA  HA   sing N N 261 
THR C   O    doub N N 262 
THR C   OXT  sing N N 263 
THR CB  OG1  sing N N 264 
THR CB  CG2  sing N N 265 
THR CB  HB   sing N N 266 
THR OG1 HG1  sing N N 267 
THR CG2 HG21 sing N N 268 
THR CG2 HG22 sing N N 269 
THR CG2 HG23 sing N N 270 
THR OXT HXT  sing N N 271 
TRP N   CA   sing N N 272 
TRP N   H    sing N N 273 
TRP N   H2   sing N N 274 
TRP CA  C    sing N N 275 
TRP CA  CB   sing N N 276 
TRP CA  HA   sing N N 277 
TRP C   O    doub N N 278 
TRP C   OXT  sing N N 279 
TRP CB  CG   sing N N 280 
TRP CB  HB2  sing N N 281 
TRP CB  HB3  sing N N 282 
TRP CG  CD1  doub Y N 283 
TRP CG  CD2  sing Y N 284 
TRP CD1 NE1  sing Y N 285 
TRP CD1 HD1  sing N N 286 
TRP CD2 CE2  doub Y N 287 
TRP CD2 CE3  sing Y N 288 
TRP NE1 CE2  sing Y N 289 
TRP NE1 HE1  sing N N 290 
TRP CE2 CZ2  sing Y N 291 
TRP CE3 CZ3  doub Y N 292 
TRP CE3 HE3  sing N N 293 
TRP CZ2 CH2  doub Y N 294 
TRP CZ2 HZ2  sing N N 295 
TRP CZ3 CH2  sing Y N 296 
TRP CZ3 HZ3  sing N N 297 
TRP CH2 HH2  sing N N 298 
TRP OXT HXT  sing N N 299 
TYR N   CA   sing N N 300 
TYR N   H    sing N N 301 
TYR N   H2   sing N N 302 
TYR CA  C    sing N N 303 
TYR CA  CB   sing N N 304 
TYR CA  HA   sing N N 305 
TYR C   O    doub N N 306 
TYR C   OXT  sing N N 307 
TYR CB  CG   sing N N 308 
TYR CB  HB2  sing N N 309 
TYR CB  HB3  sing N N 310 
TYR CG  CD1  doub Y N 311 
TYR CG  CD2  sing Y N 312 
TYR CD1 CE1  sing Y N 313 
TYR CD1 HD1  sing N N 314 
TYR CD2 CE2  doub Y N 315 
TYR CD2 HD2  sing N N 316 
TYR CE1 CZ   doub Y N 317 
TYR CE1 HE1  sing N N 318 
TYR CE2 CZ   sing Y N 319 
TYR CE2 HE2  sing N N 320 
TYR CZ  OH   sing N N 321 
TYR OH  HH   sing N N 322 
TYR OXT HXT  sing N N 323 
VAL N   CA   sing N N 324 
VAL N   H    sing N N 325 
VAL N   H2   sing N N 326 
VAL CA  C    sing N N 327 
VAL CA  CB   sing N N 328 
VAL CA  HA   sing N N 329 
VAL C   O    doub N N 330 
VAL C   OXT  sing N N 331 
VAL CB  CG1  sing N N 332 
VAL CB  CG2  sing N N 333 
VAL CB  HB   sing N N 334 
VAL CG1 HG11 sing N N 335 
VAL CG1 HG12 sing N N 336 
VAL CG1 HG13 sing N N 337 
VAL CG2 HG21 sing N N 338 
VAL CG2 HG22 sing N N 339 
VAL CG2 HG23 sing N N 340 
VAL OXT HXT  sing N N 341 
# 
_pdbx_initial_refinement_model.id               1 
_pdbx_initial_refinement_model.entity_id_list   ? 
_pdbx_initial_refinement_model.type             'experimental model' 
_pdbx_initial_refinement_model.source_name      PDB 
_pdbx_initial_refinement_model.accession_code   1CM9 
_pdbx_initial_refinement_model.details          'PDB Entry 1CM9' 
# 
_atom_sites.entry_id                    2FHT 
_atom_sites.fract_transf_matrix[1][1]   -0.01014073 
_atom_sites.fract_transf_matrix[1][2]   0.01890437 
_atom_sites.fract_transf_matrix[1][3]   0.00419077 
_atom_sites.fract_transf_matrix[2][1]   0.01878616 
_atom_sites.fract_transf_matrix[2][2]   0.00845889 
_atom_sites.fract_transf_matrix[2][3]   0.00730064 
_atom_sites.fract_transf_matrix[3][1]   0.00323491 
_atom_sites.fract_transf_matrix[3][2]   0.00481815 
_atom_sites.fract_transf_matrix[3][3]   -0.01390667 
_atom_sites.fract_transf_vector[1]      0.190064 
_atom_sites.fract_transf_vector[2]      0.748769 
_atom_sites.fract_transf_vector[3]      0.306949 
# 
loop_
_atom_type.symbol 
C 
N 
O 
S 
# 
loop_
_atom_site.group_PDB 
_atom_site.id 
_atom_site.type_symbol 
_atom_site.label_atom_id 
_atom_site.label_alt_id 
_atom_site.label_comp_id 
_atom_site.label_asym_id 
_atom_site.label_entity_id 
_atom_site.label_seq_id 
_atom_site.pdbx_PDB_ins_code 
_atom_site.Cartn_x 
_atom_site.Cartn_y 
_atom_site.Cartn_z 
_atom_site.occupancy 
_atom_site.B_iso_or_equiv 
_atom_site.pdbx_formal_charge 
_atom_site.auth_seq_id 
_atom_site.auth_comp_id 
_atom_site.auth_asym_id 
_atom_site.auth_atom_id 
_atom_site.pdbx_PDB_model_num 
ATOM   1   N N   . SER A 1 4  ? 16.397  -1.888  21.994  1.00 63.69 ? 4  SER A N   1 
ATOM   2   C CA  . SER A 1 4  ? 15.094  -2.610  21.936  1.00 63.59 ? 4  SER A CA  1 
ATOM   3   C C   . SER A 1 4  ? 13.921  -1.632  21.961  1.00 63.58 ? 4  SER A C   1 
ATOM   4   O O   . SER A 1 4  ? 14.055  -0.508  22.454  1.00 64.43 ? 4  SER A O   1 
ATOM   5   C CB  . SER A 1 4  ? 14.986  -3.595  23.103  1.00 62.86 ? 4  SER A CB  1 
ATOM   6   N N   . TRP A 1 5  ? 12.756  -2.103  21.506  1.00 59.97 ? 5  TRP A N   1 
ATOM   7   C CA  . TRP A 1 5  ? 11.541  -1.288  21.458  1.00 53.66 ? 5  TRP A CA  1 
ATOM   8   C C   . TRP A 1 5  ? 11.731  -0.048  20.585  1.00 49.71 ? 5  TRP A C   1 
ATOM   9   O O   . TRP A 1 5  ? 12.847  0.407   20.354  1.00 51.73 ? 5  TRP A O   1 
ATOM   10  C CB  . TRP A 1 5  ? 11.091  -0.892  22.877  1.00 52.77 ? 5  TRP A CB  1 
ATOM   11  N N   . HIS A 1 6  ? 10.619  0.510   20.127  1.00 43.59 ? 6  HIS A N   1 
ATOM   12  C CA  . HIS A 1 6  ? 10.628  1.687   19.260  1.00 34.72 ? 6  HIS A CA  1 
ATOM   13  C C   . HIS A 1 6  ? 11.362  1.450   17.966  1.00 28.39 ? 6  HIS A C   1 
ATOM   14  O O   . HIS A 1 6  ? 12.377  2.074   17.686  1.00 27.40 ? 6  HIS A O   1 
ATOM   15  C CB  . HIS A 1 6  ? 11.165  2.914   19.987  1.00 31.88 ? 6  HIS A CB  1 
ATOM   16  C CG  . HIS A 1 6  ? 10.322  3.306   21.152  1.00 40.09 ? 6  HIS A CG  1 
ATOM   17  N ND1 . HIS A 1 6  ? 10.785  3.258   22.448  1.00 41.40 ? 6  HIS A ND1 1 
ATOM   18  C CD2 . HIS A 1 6  ? 9.017   3.649   21.227  1.00 37.30 ? 6  HIS A CD2 1 
ATOM   19  C CE1 . HIS A 1 6  ? 9.795   3.549   23.273  1.00 41.28 ? 6  HIS A CE1 1 
ATOM   20  N NE2 . HIS A 1 6  ? 8.712   3.789   22.559  1.00 41.88 ? 6  HIS A NE2 1 
ATOM   21  N N   . ARG A 1 7  ? 10.868  0.480   17.216  1.00 20.86 ? 7  ARG A N   1 
ATOM   22  C CA  . ARG A 1 7  ? 11.437  0.167   15.929  1.00 24.16 ? 7  ARG A CA  1 
ATOM   23  C C   . ARG A 1 7  ? 10.849  1.184   14.943  1.00 24.13 ? 7  ARG A C   1 
ATOM   24  O O   . ARG A 1 7  ? 9.830   1.812   15.215  1.00 26.68 ? 7  ARG A O   1 
ATOM   25  C CB  . ARG A 1 7  ? 11.056  -1.271  15.517  1.00 26.05 ? 7  ARG A CB  1 
ATOM   26  N N   . PRO A 1 8  ? 11.563  1.468   13.851  1.00 23.71 ? 8  PRO A N   1 
ATOM   27  C CA  . PRO A 1 8  ? 10.941  2.433   12.937  1.00 21.68 ? 8  PRO A CA  1 
ATOM   28  C C   . PRO A 1 8  ? 9.746   1.783   12.224  1.00 23.52 ? 8  PRO A C   1 
ATOM   29  O O   . PRO A 1 8  ? 9.627   0.550   12.199  1.00 23.94 ? 8  PRO A O   1 
ATOM   30  C CB  . PRO A 1 8  ? 12.087  2.777   11.972  1.00 23.51 ? 8  PRO A CB  1 
ATOM   31  C CG  . PRO A 1 8  ? 13.056  1.626   12.116  1.00 23.43 ? 8  PRO A CG  1 
ATOM   32  C CD  . PRO A 1 8  ? 13.000  1.316   13.579  1.00 22.21 ? 8  PRO A CD  1 
ATOM   33  N N   . ASP A 1 9  ? 8.884   2.601   11.631  1.00 19.33 ? 9  ASP A N   1 
ATOM   34  C CA  . ASP A 1 9  ? 7.714   2.106   10.919  1.00 18.22 ? 9  ASP A CA  1 
ATOM   35  C C   . ASP A 1 9  ? 7.793   2.483   9.449   1.00 17.45 ? 9  ASP A C   1 
ATOM   36  O O   . ASP A 1 9  ? 8.525   3.401   9.095   1.00 17.84 ? 9  ASP A O   1 
ATOM   37  C CB  . ASP A 1 9  ? 6.434   2.683   11.531  1.00 20.78 ? 9  ASP A CB  1 
ATOM   38  C CG  . ASP A 1 9  ? 6.047   2.005   12.861  1.00 26.79 ? 9  ASP A CG  1 
ATOM   39  O OD1 . ASP A 1 9  ? 5.679   0.807   12.849  1.00 24.00 ? 9  ASP A OD1 1 
ATOM   40  O OD2 . ASP A 1 9  ? 6.103   2.680   13.914  1.00 27.41 ? 9  ASP A OD2 1 
ATOM   41  N N   . LYS A 1 10 ? 7.092   1.736   8.596   1.00 15.29 ? 10 LYS A N   1 
ATOM   42  C CA  . LYS A 1 10 ? 7.054   2.029   7.156   1.00 18.82 ? 10 LYS A CA  1 
ATOM   43  C C   . LYS A 1 10 ? 5.909   2.980   6.858   1.00 20.89 ? 10 LYS A C   1 
ATOM   44  O O   . LYS A 1 10 ? 4.754   2.646   7.113   1.00 20.26 ? 10 LYS A O   1 
ATOM   45  C CB  . LYS A 1 10 ? 6.840   0.764   6.326   1.00 21.66 ? 10 LYS A CB  1 
ATOM   46  C CG  . LYS A 1 10 ? 8.062   -0.080  6.099   1.00 30.36 ? 10 LYS A CG  1 
ATOM   47  C CD  . LYS A 1 10 ? 7.773   -1.201  5.083   1.00 40.19 ? 10 LYS A CD  1 
ATOM   48  C CE  . LYS A 1 10 ? 7.147   -2.454  5.714   1.00 46.06 ? 10 LYS A CE  1 
ATOM   49  N NZ  . LYS A 1 10 ? 5.731   -2.281  6.194   1.00 51.01 ? 10 LYS A NZ  1 
ATOM   50  N N   . CYS A 1 11 ? 6.226   4.161   6.331   1.00 20.12 ? 11 CYS A N   1 
ATOM   51  C CA  . CYS A 1 11 ? 5.210   5.157   5.986   1.00 19.91 ? 11 CYS A CA  1 
ATOM   52  C C   . CYS A 1 11 ? 5.348   5.578   4.536   1.00 19.18 ? 11 CYS A C   1 
ATOM   53  O O   . CYS A 1 11 ? 6.428   5.482   3.964   1.00 20.37 ? 11 CYS A O   1 
ATOM   54  C CB  . CYS A 1 11 ? 5.342   6.407   6.850   1.00 19.78 ? 11 CYS A CB  1 
ATOM   55  S SG  . CYS A 1 11 ? 4.934   6.151   8.601   1.00 21.37 ? 11 CYS A SG  1 
ATOM   56  N N   . CYS A 1 12 ? 4.243   6.031   3.949   1.00 20.15 ? 12 CYS A N   1 
ATOM   57  C CA  . CYS A 1 12 ? 4.216   6.500   2.572   1.00 21.86 ? 12 CYS A CA  1 
ATOM   58  C C   . CYS A 1 12 ? 4.397   8.017   2.541   1.00 18.24 ? 12 CYS A C   1 
ATOM   59  O O   . CYS A 1 12 ? 3.521   8.783   2.927   1.00 18.37 ? 12 CYS A O   1 
ATOM   60  C CB  . CYS A 1 12 ? 2.923   6.041   1.880   1.00 19.65 ? 12 CYS A CB  1 
ATOM   61  S SG  . CYS A 1 12 ? 2.942   4.234   1.616   1.00 19.09 ? 12 CYS A SG  1 
ATOM   62  N N   . LEU A 1 13 ? 5.580   8.435   2.129   1.00 15.98 ? 13 LEU A N   1 
ATOM   63  C CA  . LEU A 1 13 ? 5.902   9.849   2.066   1.00 18.68 ? 13 LEU A CA  1 
ATOM   64  C C   . LEU A 1 13 ? 5.602   10.422  0.695   1.00 23.33 ? 13 LEU A C   1 
ATOM   65  O O   . LEU A 1 13 ? 5.835   11.597  0.454   1.00 25.70 ? 13 LEU A O   1 
ATOM   66  C CB  . LEU A 1 13 ? 7.370   10.052  2.431   1.00 17.77 ? 13 LEU A CB  1 
ATOM   67  C CG  . LEU A 1 13 ? 7.765   9.475   3.794   1.00 17.79 ? 13 LEU A CG  1 
ATOM   68  C CD1 . LEU A 1 13 ? 9.229   9.822   4.103   1.00 16.62 ? 13 LEU A CD1 1 
ATOM   69  C CD2 . LEU A 1 13 ? 6.830   10.051  4.853   1.00 14.69 ? 13 LEU A CD2 1 
ATOM   70  N N   . GLY A 1 14 ? 5.024   9.588   -0.165  1.00 24.94 ? 14 GLY A N   1 
ATOM   71  C CA  . GLY A 1 14 ? 4.671   9.964   -1.525  1.00 25.93 ? 14 GLY A CA  1 
ATOM   72  C C   . GLY A 1 14 ? 3.837   8.835   -2.115  1.00 27.25 ? 14 GLY A C   1 
ATOM   73  O O   . GLY A 1 14 ? 3.807   7.727   -1.569  1.00 22.93 ? 14 GLY A O   1 
ATOM   74  N N   . TYR A 1 15 ? 3.190   9.077   -3.247  1.00 25.51 ? 15 TYR A N   1 
ATOM   75  C CA  . TYR A 1 15 ? 2.333   8.058   -3.851  1.00 26.00 ? 15 TYR A CA  1 
ATOM   76  C C   . TYR A 1 15 ? 2.586   7.757   -5.337  1.00 29.31 ? 15 TYR A C   1 
ATOM   77  O O   . TYR A 1 15 ? 3.073   8.608   -6.086  1.00 27.39 ? 15 TYR A O   1 
ATOM   78  C CB  . TYR A 1 15 ? 0.881   8.504   -3.725  1.00 20.11 ? 15 TYR A CB  1 
ATOM   79  C CG  . TYR A 1 15 ? 0.456   8.962   -2.363  1.00 21.55 ? 15 TYR A CG  1 
ATOM   80  C CD1 . TYR A 1 15 ? 0.445   8.090   -1.289  1.00 21.18 ? 15 TYR A CD1 1 
ATOM   81  C CD2 . TYR A 1 15 ? -0.060  10.229  -2.181  1.00 24.31 ? 15 TYR A CD2 1 
ATOM   82  C CE1 . TYR A 1 15 ? -0.085  8.461   -0.066  1.00 22.50 ? 15 TYR A CE1 1 
ATOM   83  C CE2 . TYR A 1 15 ? -0.588  10.614  -0.965  1.00 25.65 ? 15 TYR A CE2 1 
ATOM   84  C CZ  . TYR A 1 15 ? -0.607  9.724   0.088   1.00 25.92 ? 15 TYR A CZ  1 
ATOM   85  O OH  . TYR A 1 15 ? -1.165  10.098  1.295   1.00 32.04 ? 15 TYR A OH  1 
ATOM   86  N N   . GLN A 1 16 ? 2.274   6.530   -5.747  1.00 30.60 ? 16 GLN A N   1 
ATOM   87  C CA  . GLN A 1 16 ? 2.377   6.114   -7.143  1.00 33.38 ? 16 GLN A CA  1 
ATOM   88  C C   . GLN A 1 16 ? 1.231   6.876   -7.785  1.00 32.08 ? 16 GLN A C   1 
ATOM   89  O O   . GLN A 1 16 ? 0.093   6.682   -7.403  1.00 33.26 ? 16 GLN A O   1 
ATOM   90  C CB  . GLN A 1 16 ? 2.086   4.621   -7.260  1.00 39.40 ? 16 GLN A CB  1 
ATOM   91  C CG  . GLN A 1 16 ? 2.249   4.055   -8.651  1.00 46.80 ? 16 GLN A CG  1 
ATOM   92  C CD  . GLN A 1 16 ? 3.688   3.677   -8.955  1.00 56.99 ? 16 GLN A CD  1 
ATOM   93  O OE1 . GLN A 1 16 ? 4.627   4.363   -8.536  1.00 62.84 ? 16 GLN A OE1 1 
ATOM   94  N NE2 . GLN A 1 16 ? 3.873   2.576   -9.687  1.00 62.82 ? 16 GLN A NE2 1 
ATOM   95  N N   . LYS A 1 17 ? 1.514   7.750   -8.745  1.00 38.07 ? 17 LYS A N   1 
ATOM   96  C CA  . LYS A 1 17 ? 0.456   8.551   -9.375  1.00 41.10 ? 17 LYS A CA  1 
ATOM   97  C C   . LYS A 1 17 ? -0.460  7.781   -10.328 1.00 40.92 ? 17 LYS A C   1 
ATOM   98  O O   . LYS A 1 17 ? -1.686  7.837   -10.227 1.00 41.45 ? 17 LYS A O   1 
ATOM   99  C CB  . LYS A 1 17 ? 1.055   9.745   -10.130 1.00 46.61 ? 17 LYS A CB  1 
ATOM   100 C CG  . LYS A 1 17 ? 2.465   10.149  -9.720  1.00 53.15 ? 17 LYS A CG  1 
ATOM   101 C CD  . LYS A 1 17 ? 3.519   9.260   -10.397 1.00 58.28 ? 17 LYS A CD  1 
ATOM   102 C CE  . LYS A 1 17 ? 4.917   9.864   -10.264 1.00 58.43 ? 17 LYS A CE  1 
ATOM   103 N NZ  . LYS A 1 17 ? 4.953   11.276  -10.752 1.00 56.05 ? 17 LYS A NZ  1 
ATOM   104 N N   . ARG A 1 18 ? 0.155   7.133   -11.308 1.00 40.07 ? 18 ARG A N   1 
ATOM   105 C CA  . ARG A 1 18 ? -0.551  6.355   -12.317 1.00 39.85 ? 18 ARG A CA  1 
ATOM   106 C C   . ARG A 1 18 ? -1.069  5.041   -11.748 1.00 35.60 ? 18 ARG A C   1 
ATOM   107 O O   . ARG A 1 18 ? -0.321  4.287   -11.144 1.00 32.35 ? 18 ARG A O   1 
ATOM   108 C CB  . ARG A 1 18 ? 0.407   6.070   -13.484 1.00 47.03 ? 18 ARG A CB  1 
ATOM   109 C CG  . ARG A 1 18 ? 1.810   5.646   -12.992 1.00 61.81 ? 18 ARG A CG  1 
ATOM   110 C CD  . ARG A 1 18 ? 2.863   5.520   -14.094 1.00 67.22 ? 18 ARG A CD  1 
ATOM   111 N NE  . ARG A 1 18 ? 4.196   5.197   -13.562 1.00 68.29 ? 18 ARG A NE  1 
ATOM   112 C CZ  . ARG A 1 18 ? 4.578   3.992   -13.132 1.00 70.03 ? 18 ARG A CZ  1 
ATOM   113 N NH1 . ARG A 1 18 ? 3.739   2.962   -13.151 1.00 68.12 ? 18 ARG A NH1 1 
ATOM   114 N NH2 . ARG A 1 18 ? 5.820   3.808   -12.702 1.00 73.57 ? 18 ARG A NH2 1 
ATOM   115 N N   . PRO A 1 19 ? -2.361  4.752   -11.954 1.00 35.49 ? 19 PRO A N   1 
ATOM   116 C CA  . PRO A 1 19 ? -3.026  3.533   -11.492 1.00 33.79 ? 19 PRO A CA  1 
ATOM   117 C C   . PRO A 1 19 ? -2.226  2.253   -11.790 1.00 36.89 ? 19 PRO A C   1 
ATOM   118 O O   . PRO A 1 19 ? -1.561  2.129   -12.833 1.00 39.21 ? 19 PRO A O   1 
ATOM   119 C CB  . PRO A 1 19 ? -4.340  3.576   -12.260 1.00 33.23 ? 19 PRO A CB  1 
ATOM   120 C CG  . PRO A 1 19 ? -4.653  5.023   -12.260 1.00 33.72 ? 19 PRO A CG  1 
ATOM   121 C CD  . PRO A 1 19 ? -3.329  5.650   -12.611 1.00 33.89 ? 19 PRO A CD  1 
ATOM   122 N N   . LEU A 1 20 ? -2.220  1.334   -10.832 1.00 37.25 ? 20 LEU A N   1 
ATOM   123 C CA  . LEU A 1 20 ? -1.499  0.074   -10.980 1.00 32.41 ? 20 LEU A CA  1 
ATOM   124 C C   . LEU A 1 20 ? -2.425  -0.996  -11.505 1.00 31.59 ? 20 LEU A C   1 
ATOM   125 O O   . LEU A 1 20 ? -3.554  -1.141  -11.059 1.00 28.75 ? 20 LEU A O   1 
ATOM   126 C CB  . LEU A 1 20 ? -0.936  -0.390  -9.641  1.00 31.88 ? 20 LEU A CB  1 
ATOM   127 C CG  . LEU A 1 20 ? 0.177   0.413   -8.973  1.00 34.51 ? 20 LEU A CG  1 
ATOM   128 C CD1 . LEU A 1 20 ? 0.173   0.115   -7.468  1.00 33.93 ? 20 LEU A CD1 1 
ATOM   129 C CD2 . LEU A 1 20 ? 1.533   0.084   -9.619  1.00 28.22 ? 20 LEU A CD2 1 
ATOM   130 N N   . PRO A 1 21 ? -1.945  -1.775  -12.466 1.00 34.61 ? 21 PRO A N   1 
ATOM   131 C CA  . PRO A 1 21 ? -2.784  -2.835  -13.013 1.00 35.12 ? 21 PRO A CA  1 
ATOM   132 C C   . PRO A 1 21 ? -2.777  -4.037  -12.056 1.00 33.18 ? 21 PRO A C   1 
ATOM   133 O O   . PRO A 1 21 ? -1.721  -4.565  -11.697 1.00 33.23 ? 21 PRO A O   1 
ATOM   134 C CB  . PRO A 1 21 ? -2.113  -3.129  -14.354 1.00 37.52 ? 21 PRO A CB  1 
ATOM   135 C CG  . PRO A 1 21 ? -0.645  -2.912  -14.045 1.00 42.11 ? 21 PRO A CG  1 
ATOM   136 C CD  . PRO A 1 21 ? -0.668  -1.654  -13.197 1.00 39.28 ? 21 PRO A CD  1 
ATOM   137 N N   . GLN A 1 22 ? -3.968  -4.452  -11.652 1.00 31.81 ? 22 GLN A N   1 
ATOM   138 C CA  . GLN A 1 22 ? -4.128  -5.556  -10.730 1.00 35.55 ? 22 GLN A CA  1 
ATOM   139 C C   . GLN A 1 22 ? -3.287  -6.773  -11.002 1.00 38.63 ? 22 GLN A C   1 
ATOM   140 O O   . GLN A 1 22 ? -2.780  -7.391  -10.073 1.00 41.13 ? 22 GLN A O   1 
ATOM   141 C CB  . GLN A 1 22 ? -5.586  -5.997  -10.663 1.00 41.99 ? 22 GLN A CB  1 
ATOM   142 C CG  . GLN A 1 22 ? -5.782  -7.215  -9.767  1.00 49.26 ? 22 GLN A CG  1 
ATOM   143 C CD  . GLN A 1 22 ? -7.224  -7.568  -9.562  1.00 48.13 ? 22 GLN A CD  1 
ATOM   144 O OE1 . GLN A 1 22 ? -8.012  -7.560  -10.499 1.00 55.25 ? 22 GLN A OE1 1 
ATOM   145 N NE2 . GLN A 1 22 ? -7.583  -7.887  -8.325  1.00 52.62 ? 22 GLN A NE2 1 
ATOM   146 N N   . VAL A 1 23 ? -3.197  -7.152  -12.274 1.00 45.31 ? 23 VAL A N   1 
ATOM   147 C CA  . VAL A 1 23 ? -2.450  -8.344  -12.695 1.00 45.96 ? 23 VAL A CA  1 
ATOM   148 C C   . VAL A 1 23 ? -0.963  -8.297  -12.354 1.00 44.54 ? 23 VAL A C   1 
ATOM   149 O O   . VAL A 1 23 ? -0.267  -9.302  -12.463 1.00 45.74 ? 23 VAL A O   1 
ATOM   150 C CB  . VAL A 1 23 ? -2.711  -8.658  -14.216 1.00 49.22 ? 23 VAL A CB  1 
ATOM   151 C CG1 . VAL A 1 23 ? -1.803  -9.777  -14.729 1.00 50.35 ? 23 VAL A CG1 1 
ATOM   152 C CG2 . VAL A 1 23 ? -4.177  -9.057  -14.417 1.00 44.78 ? 23 VAL A CG2 1 
ATOM   153 N N   . LEU A 1 24 ? -0.480  -7.133  -11.935 1.00 44.44 ? 24 LEU A N   1 
ATOM   154 C CA  . LEU A 1 24 ? 0.920   -6.984  -11.542 1.00 43.55 ? 24 LEU A CA  1 
ATOM   155 C C   . LEU A 1 24 ? 1.076   -7.204  -10.018 1.00 41.04 ? 24 LEU A C   1 
ATOM   156 O O   . LEU A 1 24 ? 2.153   -7.582  -9.537  1.00 37.42 ? 24 LEU A O   1 
ATOM   157 C CB  . LEU A 1 24 ? 1.397   -5.573  -11.910 1.00 49.24 ? 24 LEU A CB  1 
ATOM   158 C CG  . LEU A 1 24 ? 2.886   -5.183  -11.854 1.00 54.60 ? 24 LEU A CG  1 
ATOM   159 C CD1 . LEU A 1 24 ? 3.691   -6.006  -12.865 1.00 50.93 ? 24 LEU A CD1 1 
ATOM   160 C CD2 . LEU A 1 24 ? 3.040   -3.675  -12.148 1.00 50.02 ? 24 LEU A CD2 1 
ATOM   161 N N   . LEU A 1 25 ? -0.036  -7.020  -9.294  1.00 38.12 ? 25 LEU A N   1 
ATOM   162 C CA  . LEU A 1 25 ? -0.115  -7.088  -7.827  1.00 28.39 ? 25 LEU A CA  1 
ATOM   163 C C   . LEU A 1 25 ? -0.595  -8.364  -7.158  1.00 29.94 ? 25 LEU A C   1 
ATOM   164 O O   . LEU A 1 25 ? -1.533  -9.013  -7.617  1.00 31.24 ? 25 LEU A O   1 
ATOM   165 C CB  . LEU A 1 25 ? -1.013  -5.967  -7.331  1.00 21.80 ? 25 LEU A CB  1 
ATOM   166 C CG  . LEU A 1 25 ? -0.669  -4.484  -7.495  1.00 27.05 ? 25 LEU A CG  1 
ATOM   167 C CD1 . LEU A 1 25 ? 0.704   -4.258  -8.071  1.00 23.41 ? 25 LEU A CD1 1 
ATOM   168 C CD2 . LEU A 1 25 ? -1.728  -3.785  -8.300  1.00 28.06 ? 25 LEU A CD2 1 
ATOM   169 N N   . SER A 1 26 ? -0.039  -8.635  -5.983  1.00 24.86 ? 26 SER A N   1 
ATOM   170 C CA  . SER A 1 26 ? -0.421  -9.811  -5.231  1.00 26.53 ? 26 SER A CA  1 
ATOM   171 C C   . SER A 1 26 ? -1.309  -9.519  -4.001  1.00 24.46 ? 26 SER A C   1 
ATOM   172 O O   . SER A 1 26 ? -2.308  -10.205 -3.782  1.00 22.18 ? 26 SER A O   1 
ATOM   173 C CB  . SER A 1 26 ? 0.819   -10.626 -4.848  1.00 27.20 ? 26 SER A CB  1 
ATOM   174 O OG  . SER A 1 26 ? 1.431   -10.134 -3.673  1.00 37.19 ? 26 SER A OG  1 
ATOM   175 N N   . SER A 1 27 ? -1.001  -8.466  -3.250  1.00 22.71 ? 27 SER A N   1 
ATOM   176 C CA  . SER A 1 27 ? -1.772  -8.117  -2.057  1.00 21.06 ? 27 SER A CA  1 
ATOM   177 C C   . SER A 1 27 ? -1.435  -6.713  -1.609  1.00 20.47 ? 27 SER A C   1 
ATOM   178 O O   . SER A 1 27 ? -0.702  -5.987  -2.286  1.00 20.73 ? 27 SER A O   1 
ATOM   179 C CB  . SER A 1 27 ? -1.431  -9.077  -0.910  1.00 25.59 ? 27 SER A CB  1 
ATOM   180 O OG  . SER A 1 27 ? -0.043  -9.022  -0.595  1.00 23.21 ? 27 SER A OG  1 
ATOM   181 N N   . TRP A 1 28 ? -1.957  -6.316  -0.457  1.00 18.79 ? 28 TRP A N   1 
ATOM   182 C CA  . TRP A 1 28 ? -1.661  -4.984  0.055   1.00 19.85 ? 28 TRP A CA  1 
ATOM   183 C C   . TRP A 1 28 ? -1.745  -4.985  1.577   1.00 22.98 ? 28 TRP A C   1 
ATOM   184 O O   . TRP A 1 28 ? -2.273  -5.926  2.174   1.00 20.86 ? 28 TRP A O   1 
ATOM   185 C CB  . TRP A 1 28 ? -2.654  -3.953  -0.507  1.00 17.16 ? 28 TRP A CB  1 
ATOM   186 C CG  . TRP A 1 28 ? -4.090  -4.148  -0.035  1.00 19.05 ? 28 TRP A CG  1 
ATOM   187 C CD1 . TRP A 1 28 ? -5.021  -5.004  -0.558  1.00 16.65 ? 28 TRP A CD1 1 
ATOM   188 C CD2 . TRP A 1 28 ? -4.739  -3.471  1.042   1.00 16.92 ? 28 TRP A CD2 1 
ATOM   189 N NE1 . TRP A 1 28 ? -6.201  -4.896  0.125   1.00 13.08 ? 28 TRP A NE1 1 
ATOM   190 C CE2 . TRP A 1 28 ? -6.061  -3.959  1.106   1.00 17.88 ? 28 TRP A CE2 1 
ATOM   191 C CE3 . TRP A 1 28 ? -4.328  -2.491  1.960   1.00 17.80 ? 28 TRP A CE3 1 
ATOM   192 C CZ2 . TRP A 1 28 ? -6.977  -3.507  2.058   1.00 22.56 ? 28 TRP A CZ2 1 
ATOM   193 C CZ3 . TRP A 1 28 ? -5.236  -2.047  2.902   1.00 20.58 ? 28 TRP A CZ3 1 
ATOM   194 C CH2 . TRP A 1 28 ? -6.549  -2.550  2.942   1.00 22.67 ? 28 TRP A CH2 1 
ATOM   195 N N   . TYR A 1 29 ? -1.203  -3.942  2.204   1.00 20.61 ? 29 TYR A N   1 
ATOM   196 C CA  . TYR A 1 29 ? -1.283  -3.812  3.650   1.00 21.15 ? 29 TYR A CA  1 
ATOM   197 C C   . TYR A 1 29 ? -1.278  -2.332  3.972   1.00 19.32 ? 29 TYR A C   1 
ATOM   198 O O   . TYR A 1 29 ? -0.698  -1.537  3.221   1.00 16.42 ? 29 TYR A O   1 
ATOM   199 C CB  . TYR A 1 29 ? -0.156  -4.566  4.354   1.00 23.46 ? 29 TYR A CB  1 
ATOM   200 C CG  . TYR A 1 29 ? 1.234   -4.190  3.931   1.00 30.43 ? 29 TYR A CG  1 
ATOM   201 C CD1 . TYR A 1 29 ? 1.871   -4.862  2.887   1.00 37.91 ? 29 TYR A CD1 1 
ATOM   202 C CD2 . TYR A 1 29 ? 1.946   -3.217  4.619   1.00 31.22 ? 29 TYR A CD2 1 
ATOM   203 C CE1 . TYR A 1 29 ? 3.196   -4.578  2.544   1.00 40.04 ? 29 TYR A CE1 1 
ATOM   204 C CE2 . TYR A 1 29 ? 3.263   -2.930  4.294   1.00 38.09 ? 29 TYR A CE2 1 
ATOM   205 C CZ  . TYR A 1 29 ? 3.886   -3.611  3.258   1.00 41.52 ? 29 TYR A CZ  1 
ATOM   206 O OH  . TYR A 1 29 ? 5.203   -3.330  2.959   1.00 44.22 ? 29 TYR A OH  1 
ATOM   207 N N   . PRO A 1 30 ? -2.037  -1.925  5.009   1.00 18.25 ? 30 PRO A N   1 
ATOM   208 C CA  . PRO A 1 30 ? -2.097  -0.510  5.399   1.00 15.98 ? 30 PRO A CA  1 
ATOM   209 C C   . PRO A 1 30 ? -0.865  -0.117  6.168   1.00 15.15 ? 30 PRO A C   1 
ATOM   210 O O   . PRO A 1 30 ? -0.156  -0.978  6.674   1.00 18.10 ? 30 PRO A O   1 
ATOM   211 C CB  . PRO A 1 30 ? -3.338  -0.446  6.293   1.00 14.56 ? 30 PRO A CB  1 
ATOM   212 C CG  . PRO A 1 30 ? -3.354  -1.777  6.949   1.00 17.27 ? 30 PRO A CG  1 
ATOM   213 C CD  . PRO A 1 30 ? -2.879  -2.762  5.891   1.00 20.34 ? 30 PRO A CD  1 
ATOM   214 N N   . THR A 1 31 ? -0.541  1.167   6.137   1.00 18.07 ? 31 THR A N   1 
ATOM   215 C CA  . THR A 1 31 ? 0.582   1.683   6.913   1.00 20.25 ? 31 THR A CA  1 
ATOM   216 C C   . THR A 1 31 ? -0.002  2.043   8.292   1.00 22.27 ? 31 THR A C   1 
ATOM   217 O O   . THR A 1 31 ? -1.234  1.998   8.507   1.00 23.21 ? 31 THR A O   1 
ATOM   218 C CB  . THR A 1 31 ? 1.240   2.936   6.278   1.00 15.33 ? 31 THR A CB  1 
ATOM   219 O OG1 . THR A 1 31 ? 0.253   3.921   6.001   1.00 17.55 ? 31 THR A OG1 1 
ATOM   220 C CG2 . THR A 1 31 ? 1.938   2.585   5.011   1.00 17.40 ? 31 THR A CG2 1 
ATOM   221 N N   . SER A 1 32 ? 0.871   2.325   9.246   1.00 23.29 ? 32 SER A N   1 
ATOM   222 C CA  . SER A 1 32 ? 0.430   2.684   10.583  1.00 20.83 ? 32 SER A CA  1 
ATOM   223 C C   . SER A 1 32 ? -0.455  3.913   10.512  1.00 21.84 ? 32 SER A C   1 
ATOM   224 O O   . SER A 1 32 ? -0.193  4.812   9.725   1.00 21.26 ? 32 SER A O   1 
ATOM   225 C CB  . SER A 1 32 ? 1.654   2.972   11.461  1.00 23.43 ? 32 SER A CB  1 
ATOM   226 O OG  . SER A 1 32 ? 1.288   3.625   12.667  1.00 27.74 ? 32 SER A OG  1 
ATOM   227 N N   . GLN A 1 33 ? -1.499  3.954   11.339  1.00 24.58 ? 33 GLN A N   1 
ATOM   228 C CA  . GLN A 1 33 ? -2.397  5.098   11.372  1.00 23.34 ? 33 GLN A CA  1 
ATOM   229 C C   . GLN A 1 33 ? -1.671  6.286   11.956  1.00 18.58 ? 33 GLN A C   1 
ATOM   230 O O   . GLN A 1 33 ? -2.151  7.391   11.866  1.00 25.88 ? 33 GLN A O   1 
ATOM   231 C CB  . GLN A 1 33 ? -3.653  4.806   12.190  1.00 30.69 ? 33 GLN A CB  1 
ATOM   232 C CG  . GLN A 1 33 ? -4.536  3.649   11.672  1.00 40.84 ? 33 GLN A CG  1 
ATOM   233 C CD  . GLN A 1 33 ? -5.297  3.944   10.360  1.00 45.23 ? 33 GLN A CD  1 
ATOM   234 O OE1 . GLN A 1 33 ? -5.986  4.960   10.233  1.00 43.67 ? 33 GLN A OE1 1 
ATOM   235 N NE2 . GLN A 1 33 ? -5.234  2.999   9.413   1.00 45.26 ? 33 GLN A NE2 1 
ATOM   236 N N   . LEU A 1 34 ? -0.505  6.063   12.555  1.00 18.19 ? 34 LEU A N   1 
ATOM   237 C CA  . LEU A 1 34 ? 0.297   7.164   13.115  1.00 19.67 ? 34 LEU A CA  1 
ATOM   238 C C   . LEU A 1 34 ? 1.140   7.879   12.039  1.00 19.02 ? 34 LEU A C   1 
ATOM   239 O O   . LEU A 1 34 ? 1.718   8.936   12.291  1.00 20.21 ? 34 LEU A O   1 
ATOM   240 C CB  . LEU A 1 34 ? 1.200   6.675   14.267  1.00 21.70 ? 34 LEU A CB  1 
ATOM   241 C CG  . LEU A 1 34 ? 0.539   6.178   15.569  1.00 26.84 ? 34 LEU A CG  1 
ATOM   242 C CD1 . LEU A 1 34 ? 1.606   5.748   16.549  1.00 24.95 ? 34 LEU A CD1 1 
ATOM   243 C CD2 . LEU A 1 34 ? -0.362  7.260   16.194  1.00 25.54 ? 34 LEU A CD2 1 
ATOM   244 N N   . CYS A 1 35 ? 1.262   7.278   10.857  1.00 20.36 ? 35 CYS A N   1 
ATOM   245 C CA  . CYS A 1 35 ? 2.006   7.921   9.762   1.00 23.82 ? 35 CYS A CA  1 
ATOM   246 C C   . CYS A 1 35 ? 1.258   9.202   9.415   1.00 26.92 ? 35 CYS A C   1 
ATOM   247 O O   . CYS A 1 35 ? 0.025   9.254   9.509   1.00 27.16 ? 35 CYS A O   1 
ATOM   248 C CB  . CYS A 1 35 ? 2.043   7.054   8.495   1.00 20.19 ? 35 CYS A CB  1 
ATOM   249 S SG  . CYS A 1 35 ? 3.016   5.527   8.554   1.00 17.36 ? 35 CYS A SG  1 
ATOM   250 N N   . SER A 1 36 ? 1.988   10.209  8.952   1.00 31.74 ? 36 SER A N   1 
ATOM   251 C CA  . SER A 1 36 ? 1.365   11.484  8.600   1.00 37.50 ? 36 SER A CA  1 
ATOM   252 C C   . SER A 1 36 ? 0.424   11.324  7.424   1.00 37.19 ? 36 SER A C   1 
ATOM   253 O O   . SER A 1 36 ? -0.753  11.652  7.520   1.00 42.19 ? 36 SER A O   1 
ATOM   254 C CB  . SER A 1 36 ? 2.423   12.540  8.282   1.00 43.52 ? 36 SER A CB  1 
ATOM   255 O OG  . SER A 1 36 ? 1.841   13.833  8.251   1.00 54.89 ? 36 SER A OG  1 
ATOM   256 N N   . LYS A 1 37 ? 0.943   10.816  6.315   1.00 38.25 ? 37 LYS A N   1 
ATOM   257 C CA  . LYS A 1 37 ? 0.134   10.619  5.124   1.00 43.18 ? 37 LYS A CA  1 
ATOM   258 C C   . LYS A 1 37 ? -0.555  9.275   5.206   1.00 44.97 ? 37 LYS A C   1 
ATOM   259 O O   . LYS A 1 37 ? 0.070   8.281   5.517   1.00 52.37 ? 37 LYS A O   1 
ATOM   260 C CB  . LYS A 1 37 ? 1.009   10.682  3.865   1.00 44.39 ? 37 LYS A CB  1 
ATOM   261 C CG  . LYS A 1 37 ? 1.497   12.083  3.525   1.00 48.31 ? 37 LYS A CG  1 
ATOM   262 C CD  . LYS A 1 37 ? 2.651   12.129  2.521   1.00 49.00 ? 37 LYS A CD  1 
ATOM   263 C CE  . LYS A 1 37 ? 2.245   11.696  1.127   1.00 51.91 ? 37 LYS A CE  1 
ATOM   264 N NZ  . LYS A 1 37 ? 2.320   10.218  0.995   1.00 56.01 ? 37 LYS A NZ  1 
ATOM   265 N N   . PRO A 1 38 ? -1.880  9.253   5.052   1.00 44.96 ? 38 PRO A N   1 
ATOM   266 C CA  . PRO A 1 38 ? -2.614  7.986   5.107   1.00 43.39 ? 38 PRO A CA  1 
ATOM   267 C C   . PRO A 1 38 ? -2.364  7.177   3.828   1.00 43.44 ? 38 PRO A C   1 
ATOM   268 O O   . PRO A 1 38 ? -2.805  7.575   2.733   1.00 48.70 ? 38 PRO A O   1 
ATOM   269 C CB  . PRO A 1 38 ? -4.070  8.447   5.179   1.00 45.34 ? 38 PRO A CB  1 
ATOM   270 C CG  . PRO A 1 38 ? -4.056  9.751   4.443   1.00 45.88 ? 38 PRO A CG  1 
ATOM   271 C CD  . PRO A 1 38 ? -2.799  10.399  4.967   1.00 45.65 ? 38 PRO A CD  1 
ATOM   272 N N   . GLY A 1 39 ? -1.742  6.010   3.966   1.00 36.16 ? 39 GLY A N   1 
ATOM   273 C CA  . GLY A 1 39 ? -1.466  5.218   2.782   1.00 29.04 ? 39 GLY A CA  1 
ATOM   274 C C   . GLY A 1 39 ? -1.579  3.717   2.864   1.00 21.76 ? 39 GLY A C   1 
ATOM   275 O O   . GLY A 1 39 ? -1.867  3.146   3.901   1.00 22.53 ? 39 GLY A O   1 
ATOM   276 N N   . VAL A 1 40 ? -1.507  3.082   1.707   1.00 18.73 ? 40 VAL A N   1 
ATOM   277 C CA  . VAL A 1 40 ? -1.540  1.628   1.644   1.00 16.08 ? 40 VAL A CA  1 
ATOM   278 C C   . VAL A 1 40 ? -0.375  1.201   0.777   1.00 14.57 ? 40 VAL A C   1 
ATOM   279 O O   . VAL A 1 40 ? 0.045   1.939   -0.110  1.00 16.41 ? 40 VAL A O   1 
ATOM   280 C CB  . VAL A 1 40 ? -2.866  1.052   1.057   1.00 18.13 ? 40 VAL A CB  1 
ATOM   281 C CG1 . VAL A 1 40 ? -4.063  1.344   1.981   1.00 16.79 ? 40 VAL A CG1 1 
ATOM   282 C CG2 . VAL A 1 40 ? -3.102  1.572   -0.320  1.00 12.73 ? 40 VAL A CG2 1 
ATOM   283 N N   . ILE A 1 41 ? 0.202   0.054   1.088   1.00 12.57 ? 41 ILE A N   1 
ATOM   284 C CA  . ILE A 1 41 ? 1.311   -0.466  0.308   1.00 16.50 ? 41 ILE A CA  1 
ATOM   285 C C   . ILE A 1 41 ? 0.869   -1.689  -0.504  1.00 16.23 ? 41 ILE A C   1 
ATOM   286 O O   . ILE A 1 41 ? 0.351   -2.655  0.058   1.00 18.56 ? 41 ILE A O   1 
ATOM   287 C CB  . ILE A 1 41 ? 2.495   -0.869  1.220   1.00 16.59 ? 41 ILE A CB  1 
ATOM   288 C CG1 . ILE A 1 41 ? 3.005   0.357   1.995   1.00 17.46 ? 41 ILE A CG1 1 
ATOM   289 C CG2 . ILE A 1 41 ? 3.601   -1.509  0.397   1.00 17.66 ? 41 ILE A CG2 1 
ATOM   290 C CD1 . ILE A 1 41 ? 3.931   0.034   3.199   1.00 16.11 ? 41 ILE A CD1 1 
ATOM   291 N N   . PHE A 1 42 ? 1.003   -1.614  -1.826  1.00 16.61 ? 42 PHE A N   1 
ATOM   292 C CA  . PHE A 1 42 ? 0.666   -2.745  -2.681  1.00 17.09 ? 42 PHE A CA  1 
ATOM   293 C C   . PHE A 1 42 ? 1.909   -3.600  -2.859  1.00 18.46 ? 42 PHE A C   1 
ATOM   294 O O   . PHE A 1 42 ? 3.018   -3.071  -2.964  1.00 23.77 ? 42 PHE A O   1 
ATOM   295 C CB  . PHE A 1 42 ? 0.155   -2.289  -4.058  1.00 20.00 ? 42 PHE A CB  1 
ATOM   296 C CG  . PHE A 1 42 ? -1.231  -1.725  -4.030  1.00 23.38 ? 42 PHE A CG  1 
ATOM   297 C CD1 . PHE A 1 42 ? -1.436  -0.353  -4.101  1.00 19.52 ? 42 PHE A CD1 1 
ATOM   298 C CD2 . PHE A 1 42 ? -2.334  -2.563  -3.841  1.00 19.27 ? 42 PHE A CD2 1 
ATOM   299 C CE1 . PHE A 1 42 ? -2.711  0.172   -3.987  1.00 20.75 ? 42 PHE A CE1 1 
ATOM   300 C CE2 . PHE A 1 42 ? -3.612  -2.047  -3.723  1.00 16.04 ? 42 PHE A CE2 1 
ATOM   301 C CZ  . PHE A 1 42 ? -3.808  -0.678  -3.789  1.00 16.08 ? 42 PHE A CZ  1 
ATOM   302 N N   . LEU A 1 43 ? 1.745   -4.912  -2.776  1.00 18.82 ? 43 LEU A N   1 
ATOM   303 C CA  . LEU A 1 43 ? 2.852   -5.825  -2.974  1.00 23.99 ? 43 LEU A CA  1 
ATOM   304 C C   . LEU A 1 43 ? 2.677   -6.354  -4.370  1.00 24.87 ? 43 LEU A C   1 
ATOM   305 O O   . LEU A 1 43 ? 1.599   -6.831  -4.719  1.00 25.51 ? 43 LEU A O   1 
ATOM   306 C CB  . LEU A 1 43 ? 2.815   -6.969  -1.961  1.00 28.32 ? 43 LEU A CB  1 
ATOM   307 C CG  . LEU A 1 43 ? 3.194   -6.547  -0.541  1.00 33.81 ? 43 LEU A CG  1 
ATOM   308 C CD1 . LEU A 1 43 ? 2.921   -7.671  0.430   1.00 31.41 ? 43 LEU A CD1 1 
ATOM   309 C CD2 . LEU A 1 43 ? 4.677   -6.170  -0.502  1.00 35.94 ? 43 LEU A CD2 1 
ATOM   310 N N   . THR A 1 44 ? 3.681   -6.167  -5.212  1.00 28.39 ? 44 THR A N   1 
ATOM   311 C CA  . THR A 1 44 ? 3.577   -6.652  -6.582  1.00 30.95 ? 44 THR A CA  1 
ATOM   312 C C   . THR A 1 44 ? 3.991   -8.111  -6.633  1.00 33.27 ? 44 THR A C   1 
ATOM   313 O O   . THR A 1 44 ? 4.562   -8.637  -5.660  1.00 33.50 ? 44 THR A O   1 
ATOM   314 C CB  . THR A 1 44 ? 4.408   -5.787  -7.579  1.00 35.67 ? 44 THR A CB  1 
ATOM   315 O OG1 . THR A 1 44 ? 5.817   -5.990  -7.380  1.00 32.90 ? 44 THR A OG1 1 
ATOM   316 C CG2 . THR A 1 44 ? 4.063   -4.287  -7.388  1.00 33.28 ? 44 THR A CG2 1 
ATOM   317 N N   . LYS A 1 45 ? 3.590   -8.797  -7.701  1.00 37.28 ? 45 LYS A N   1 
ATOM   318 C CA  . LYS A 1 45 ? 3.939   -10.204 -7.875  1.00 40.93 ? 45 LYS A CA  1 
ATOM   319 C C   . LYS A 1 45 ? 5.459   -10.301 -8.028  1.00 42.89 ? 45 LYS A C   1 
ATOM   320 O O   . LYS A 1 45 ? 6.076   -11.259 -7.588  1.00 46.19 ? 45 LYS A O   1 
ATOM   321 C CB  . LYS A 1 45 ? 3.215   -10.776 -9.093  1.00 42.15 ? 45 LYS A CB  1 
ATOM   322 C CG  . LYS A 1 45 ? 1.693   -10.785 -8.964  1.00 43.16 ? 45 LYS A CG  1 
ATOM   323 C CD  . LYS A 1 45 ? 1.000   -11.194 -10.269 1.00 40.64 ? 45 LYS A CD  1 
ATOM   324 C CE  . LYS A 1 45 ? -0.515  -11.231 -10.082 1.00 42.92 ? 45 LYS A CE  1 
ATOM   325 N NZ  . LYS A 1 45 ? -1.307  -11.314 -11.343 1.00 39.19 ? 45 LYS A NZ  1 
ATOM   326 N N   . ARG A 1 46 ? 6.051   -9.281  -8.641  1.00 47.03 ? 46 ARG A N   1 
ATOM   327 C CA  . ARG A 1 46 ? 7.500   -9.195  -8.826  1.00 49.43 ? 46 ARG A CA  1 
ATOM   328 C C   . ARG A 1 46 ? 8.227   -9.088  -7.472  1.00 47.62 ? 46 ARG A C   1 
ATOM   329 O O   . ARG A 1 46 ? 9.430   -9.336  -7.391  1.00 47.94 ? 46 ARG A O   1 
ATOM   330 C CB  . ARG A 1 46 ? 7.827   -7.969  -9.690  1.00 56.63 ? 46 ARG A CB  1 
ATOM   331 C CG  . ARG A 1 46 ? 9.310   -7.577  -9.746  1.00 64.56 ? 46 ARG A CG  1 
ATOM   332 C CD  . ARG A 1 46 ? 9.476   -6.203  -10.389 1.00 68.73 ? 46 ARG A CD  1 
ATOM   333 N NE  . ARG A 1 46 ? 10.844  -5.687  -10.324 1.00 69.45 ? 46 ARG A NE  1 
ATOM   334 C CZ  . ARG A 1 46 ? 11.148  -4.391  -10.263 1.00 71.41 ? 46 ARG A CZ  1 
ATOM   335 N NH1 . ARG A 1 46 ? 10.183  -3.473  -10.248 1.00 71.97 ? 46 ARG A NH1 1 
ATOM   336 N NH2 . ARG A 1 46 ? 12.416  -4.005  -10.237 1.00 72.15 ? 46 ARG A NH2 1 
ATOM   337 N N   . GLY A 1 47 ? 7.502   -8.696  -6.426  1.00 45.28 ? 47 GLY A N   1 
ATOM   338 C CA  . GLY A 1 47 ? 8.083   -8.573  -5.099  1.00 43.15 ? 47 GLY A CA  1 
ATOM   339 C C   . GLY A 1 47 ? 8.091   -7.155  -4.547  1.00 45.08 ? 47 GLY A C   1 
ATOM   340 O O   . GLY A 1 47 ? 8.228   -6.948  -3.332  1.00 45.16 ? 47 GLY A O   1 
ATOM   341 N N   . ARG A 1 48 ? 7.953   -6.180  -5.442  1.00 41.98 ? 48 ARG A N   1 
ATOM   342 C CA  . ARG A 1 48 ? 7.959   -4.764  -5.084  1.00 42.04 ? 48 ARG A CA  1 
ATOM   343 C C   . ARG A 1 48 ? 6.889   -4.294  -4.079  1.00 38.27 ? 48 ARG A C   1 
ATOM   344 O O   . ARG A 1 48 ? 5.855   -4.933  -3.915  1.00 34.98 ? 48 ARG A O   1 
ATOM   345 C CB  . ARG A 1 48 ? 7.888   -3.921  -6.363  1.00 43.14 ? 48 ARG A CB  1 
ATOM   346 C CG  . ARG A 1 48 ? 9.219   -3.706  -7.074  1.00 50.98 ? 48 ARG A CG  1 
ATOM   347 C CD  . ARG A 1 48 ? 9.985   -5.007  -7.327  1.00 59.35 ? 48 ARG A CD  1 
ATOM   348 N NE  . ARG A 1 48 ? 10.620  -5.563  -6.131  1.00 66.12 ? 48 ARG A NE  1 
ATOM   349 C CZ  . ARG A 1 48 ? 11.904  -5.412  -5.808  1.00 70.03 ? 48 ARG A CZ  1 
ATOM   350 N NH1 . ARG A 1 48 ? 12.725  -4.719  -6.591  1.00 73.24 ? 48 ARG A NH1 1 
ATOM   351 N NH2 . ARG A 1 48 ? 12.368  -5.940  -4.685  1.00 70.18 ? 48 ARG A NH2 1 
ATOM   352 N N   . GLN A 1 49 ? 7.212   -3.219  -3.355  1.00 37.43 ? 49 GLN A N   1 
ATOM   353 C CA  . GLN A 1 49 ? 6.322   -2.573  -2.376  1.00 32.86 ? 49 GLN A CA  1 
ATOM   354 C C   . GLN A 1 49 ? 5.999   -1.185  -2.936  1.00 30.84 ? 49 GLN A C   1 
ATOM   355 O O   . GLN A 1 49 ? 6.891   -0.338  -3.021  1.00 30.11 ? 49 GLN A O   1 
ATOM   356 C CB  . GLN A 1 49 ? 7.032   -2.397  -1.030  1.00 32.14 ? 49 GLN A CB  1 
ATOM   357 C CG  . GLN A 1 49 ? 7.014   -3.615  -0.134  1.00 38.12 ? 49 GLN A CG  1 
ATOM   358 C CD  . GLN A 1 49 ? 7.705   -3.376  1.192   1.00 39.42 ? 49 GLN A CD  1 
ATOM   359 O OE1 . GLN A 1 49 ? 7.439   -2.394  1.877   1.00 40.08 ? 49 GLN A OE1 1 
ATOM   360 N NE2 . GLN A 1 49 ? 8.640   -4.259  1.539   1.00 46.30 ? 49 GLN A NE2 1 
ATOM   361 N N   . VAL A 1 50 ? 4.741   -0.942  -3.299  1.00 29.34 ? 50 VAL A N   1 
ATOM   362 C CA  . VAL A 1 50 ? 4.344   0.356   -3.870  1.00 23.78 ? 50 VAL A CA  1 
ATOM   363 C C   . VAL A 1 50 ? 3.339   1.116   -2.990  1.00 21.28 ? 50 VAL A C   1 
ATOM   364 O O   . VAL A 1 50 ? 2.291   0.599   -2.621  1.00 20.06 ? 50 VAL A O   1 
ATOM   365 C CB  . VAL A 1 50 ? 3.769   0.195   -5.317  1.00 20.79 ? 50 VAL A CB  1 
ATOM   366 C CG1 . VAL A 1 50 ? 3.556   1.540   -5.966  1.00 20.42 ? 50 VAL A CG1 1 
ATOM   367 C CG2 . VAL A 1 50 ? 4.692   -0.643  -6.161  1.00 19.19 ? 50 VAL A CG2 1 
ATOM   368 N N   . CYS A 1 51 ? 3.686   2.352   -2.663  1.00 18.33 ? 51 CYS A N   1 
ATOM   369 C CA  . CYS A 1 51 ? 2.853   3.232   -1.849  1.00 21.47 ? 51 CYS A CA  1 
ATOM   370 C C   . CYS A 1 51 ? 1.725   3.845   -2.651  1.00 24.20 ? 51 CYS A C   1 
ATOM   371 O O   . CYS A 1 51 ? 1.958   4.384   -3.744  1.00 24.88 ? 51 CYS A O   1 
ATOM   372 C CB  . CYS A 1 51 ? 3.705   4.364   -1.289  1.00 20.20 ? 51 CYS A CB  1 
ATOM   373 S SG  . CYS A 1 51 ? 4.472   3.936   0.279   1.00 19.21 ? 51 CYS A SG  1 
ATOM   374 N N   . ALA A 1 52 ? 0.520   3.829   -2.094  1.00 21.64 ? 52 ALA A N   1 
ATOM   375 C CA  . ALA A 1 52 ? -0.614  4.385   -2.797  1.00 21.33 ? 52 ALA A CA  1 
ATOM   376 C C   . ALA A 1 52 ? -1.516  5.201   -1.884  1.00 21.16 ? 52 ALA A C   1 
ATOM   377 O O   . ALA A 1 52 ? -1.573  4.970   -0.684  1.00 17.58 ? 52 ALA A O   1 
ATOM   378 C CB  . ALA A 1 52 ? -1.396  3.269   -3.497  1.00 22.86 ? 52 ALA A CB  1 
ATOM   379 N N   . ASP A 1 53 ? -2.164  6.207   -2.473  1.00 23.62 ? 53 ASP A N   1 
ATOM   380 C CA  . ASP A 1 53 ? -3.067  7.137   -1.798  1.00 24.01 ? 53 ASP A CA  1 
ATOM   381 C C   . ASP A 1 53 ? -4.422  6.476   -1.702  1.00 27.75 ? 53 ASP A C   1 
ATOM   382 O O   . ASP A 1 53 ? -5.133  6.365   -2.708  1.00 26.29 ? 53 ASP A O   1 
ATOM   383 C CB  . ASP A 1 53 ? -3.195  8.415   -2.638  1.00 25.60 ? 53 ASP A CB  1 
ATOM   384 C CG  . ASP A 1 53 ? -4.067  9.483   -1.989  1.00 23.88 ? 53 ASP A CG  1 
ATOM   385 O OD1 . ASP A 1 53 ? -4.848  9.179   -1.072  1.00 23.67 ? 53 ASP A OD1 1 
ATOM   386 O OD2 . ASP A 1 53 ? -3.963  10.653  -2.408  1.00 26.36 ? 53 ASP A OD2 1 
ATOM   387 N N   . LYS A 1 54 ? -4.806  6.101   -0.486  1.00 26.89 ? 54 LYS A N   1 
ATOM   388 C CA  . LYS A 1 54 ? -6.075  5.428   -0.268  1.00 30.14 ? 54 LYS A CA  1 
ATOM   389 C C   . LYS A 1 54 ? -7.356  6.230   -0.548  1.00 32.85 ? 54 LYS A C   1 
ATOM   390 O O   . LYS A 1 54 ? -8.455  5.680   -0.488  1.00 34.72 ? 54 LYS A O   1 
ATOM   391 C CB  . LYS A 1 54 ? -6.093  4.805   1.127   1.00 33.56 ? 54 LYS A CB  1 
ATOM   392 C CG  . LYS A 1 54 ? -5.763  5.763   2.246   1.00 41.11 ? 54 LYS A CG  1 
ATOM   393 C CD  . LYS A 1 54 ? -5.224  5.009   3.441   1.00 48.33 ? 54 LYS A CD  1 
ATOM   394 C CE  . LYS A 1 54 ? -6.064  3.780   3.782   1.00 54.88 ? 54 LYS A CE  1 
ATOM   395 N NZ  . LYS A 1 54 ? -7.395  4.123   4.354   1.00 63.12 ? 54 LYS A NZ  1 
ATOM   396 N N   . SER A 1 55 ? -7.217  7.514   -0.854  1.00 31.12 ? 55 SER A N   1 
ATOM   397 C CA  . SER A 1 55 ? -8.367  8.358   -1.147  1.00 31.30 ? 55 SER A CA  1 
ATOM   398 C C   . SER A 1 55 ? -8.771  8.172   -2.596  1.00 33.42 ? 55 SER A C   1 
ATOM   399 O O   . SER A 1 55 ? -9.924  8.386   -2.966  1.00 41.19 ? 55 SER A O   1 
ATOM   400 C CB  . SER A 1 55 ? -8.028  9.832   -0.903  1.00 34.31 ? 55 SER A CB  1 
ATOM   401 O OG  . SER A 1 55 ? -7.315  10.389  -1.996  1.00 36.84 ? 55 SER A OG  1 
ATOM   402 N N   . LYS A 1 56 ? -7.808  7.788   -3.418  1.00 34.51 ? 56 LYS A N   1 
ATOM   403 C CA  . LYS A 1 56 ? -8.052  7.576   -4.833  1.00 36.35 ? 56 LYS A CA  1 
ATOM   404 C C   . LYS A 1 56 ? -8.930  6.361   -5.098  1.00 39.28 ? 56 LYS A C   1 
ATOM   405 O O   . LYS A 1 56 ? -8.761  5.301   -4.489  1.00 39.71 ? 56 LYS A O   1 
ATOM   406 C CB  . LYS A 1 56 ? -6.727  7.493   -5.593  1.00 36.88 ? 56 LYS A CB  1 
ATOM   407 C CG  . LYS A 1 56 ? -6.135  8.868   -5.963  1.00 40.29 ? 56 LYS A CG  1 
ATOM   408 C CD  . LYS A 1 56 ? -6.325  9.895   -4.849  1.00 41.10 ? 56 LYS A CD  1 
ATOM   409 C CE  . LYS A 1 56 ? -5.660  11.222  -5.158  1.00 43.60 ? 56 LYS A CE  1 
ATOM   410 N NZ  . LYS A 1 56 ? -6.193  11.879  -6.376  1.00 48.81 ? 56 LYS A NZ  1 
ATOM   411 N N   . ASP A 1 57 ? -9.893  6.539   -5.995  1.00 40.81 ? 57 ASP A N   1 
ATOM   412 C CA  . ASP A 1 57 ? -10.822 5.482   -6.343  1.00 40.24 ? 57 ASP A CA  1 
ATOM   413 C C   . ASP A 1 57 ? -10.164 4.227   -6.866  1.00 36.34 ? 57 ASP A C   1 
ATOM   414 O O   . ASP A 1 57 ? -10.608 3.131   -6.535  1.00 36.57 ? 57 ASP A O   1 
ATOM   415 C CB  . ASP A 1 57 ? -11.850 5.984   -7.348  1.00 46.57 ? 57 ASP A CB  1 
ATOM   416 C CG  . ASP A 1 57 ? -12.714 7.078   -6.778  1.00 54.33 ? 57 ASP A CG  1 
ATOM   417 O OD1 . ASP A 1 57 ? -12.999 8.047   -7.519  1.00 62.16 ? 57 ASP A OD1 1 
ATOM   418 O OD2 . ASP A 1 57 ? -13.098 6.976   -5.588  1.00 56.37 ? 57 ASP A OD2 1 
ATOM   419 N N   . TRP A 1 58 ? -9.143  4.367   -7.705  1.00 30.27 ? 58 TRP A N   1 
ATOM   420 C CA  . TRP A 1 58 ? -8.498  3.181   -8.223  1.00 25.99 ? 58 TRP A CA  1 
ATOM   421 C C   . TRP A 1 58 ? -7.848  2.366   -7.106  1.00 22.42 ? 58 TRP A C   1 
ATOM   422 O O   . TRP A 1 58 ? -7.884  1.147   -7.140  1.00 22.59 ? 58 TRP A O   1 
ATOM   423 C CB  . TRP A 1 58 ? -7.501  3.495   -9.362  1.00 26.04 ? 58 TRP A CB  1 
ATOM   424 C CG  . TRP A 1 58 ? -6.234  4.261   -9.005  1.00 29.61 ? 58 TRP A CG  1 
ATOM   425 C CD1 . TRP A 1 58 ? -6.052  5.609   -9.094  1.00 31.45 ? 58 TRP A CD1 1 
ATOM   426 C CD2 . TRP A 1 58 ? -4.947  3.704   -8.646  1.00 26.40 ? 58 TRP A CD2 1 
ATOM   427 N NE1 . TRP A 1 58 ? -4.733  5.931   -8.839  1.00 29.48 ? 58 TRP A NE1 1 
ATOM   428 C CE2 . TRP A 1 58 ? -4.035  4.784   -8.559  1.00 26.94 ? 58 TRP A CE2 1 
ATOM   429 C CE3 . TRP A 1 58 ? -4.475  2.406   -8.392  1.00 27.90 ? 58 TRP A CE3 1 
ATOM   430 C CZ2 . TRP A 1 58 ? -2.682  4.605   -8.239  1.00 20.99 ? 58 TRP A CZ2 1 
ATOM   431 C CZ3 . TRP A 1 58 ? -3.133  2.226   -8.071  1.00 20.43 ? 58 TRP A CZ3 1 
ATOM   432 C CH2 . TRP A 1 58 ? -2.253  3.326   -7.997  1.00 27.17 ? 58 TRP A CH2 1 
ATOM   433 N N   . VAL A 1 59 ? -7.303  3.033   -6.087  1.00 26.03 ? 59 VAL A N   1 
ATOM   434 C CA  . VAL A 1 59 ? -6.648  2.277   -5.029  1.00 25.02 ? 59 VAL A CA  1 
ATOM   435 C C   . VAL A 1 59 ? -7.651  1.574   -4.142  1.00 23.93 ? 59 VAL A C   1 
ATOM   436 O O   . VAL A 1 59 ? -7.393  0.463   -3.689  1.00 26.79 ? 59 VAL A O   1 
ATOM   437 C CB  . VAL A 1 59 ? -5.637  3.100   -4.176  1.00 21.44 ? 59 VAL A CB  1 
ATOM   438 C CG1 . VAL A 1 59 ? -4.790  3.983   -5.046  1.00 21.75 ? 59 VAL A CG1 1 
ATOM   439 C CG2 . VAL A 1 59 ? -6.324  3.859   -3.127  1.00 26.73 ? 59 VAL A CG2 1 
ATOM   440 N N   . LYS A 1 60 ? -8.783  2.219   -3.890  1.00 25.15 ? 60 LYS A N   1 
ATOM   441 C CA  . LYS A 1 60 ? -9.828  1.635   -3.056  1.00 25.68 ? 60 LYS A CA  1 
ATOM   442 C C   . LYS A 1 60 ? -10.416 0.425   -3.764  1.00 23.12 ? 60 LYS A C   1 
ATOM   443 O O   . LYS A 1 60 ? -10.860 -0.525  -3.131  1.00 24.83 ? 60 LYS A O   1 
ATOM   444 C CB  . LYS A 1 60 ? -10.888 2.688   -2.737  1.00 29.80 ? 60 LYS A CB  1 
ATOM   445 C CG  . LYS A 1 60 ? -10.288 3.865   -1.987  1.00 32.62 ? 60 LYS A CG  1 
ATOM   446 C CD  . LYS A 1 60 ? -11.309 4.673   -1.227  1.00 35.49 ? 60 LYS A CD  1 
ATOM   447 C CE  . LYS A 1 60 ? -11.920 5.723   -2.094  1.00 35.96 ? 60 LYS A CE  1 
ATOM   448 N NZ  . LYS A 1 60 ? -12.761 6.602   -1.261  1.00 43.21 ? 60 LYS A NZ  1 
ATOM   449 N N   . LYS A 1 61 ? -10.318 0.457   -5.088  1.00 22.55 ? 61 LYS A N   1 
ATOM   450 C CA  . LYS A 1 61 ? -10.774 -0.603  -5.976  1.00 23.82 ? 61 LYS A CA  1 
ATOM   451 C C   . LYS A 1 61 ? -9.816  -1.770  -5.808  1.00 20.79 ? 61 LYS A C   1 
ATOM   452 O O   . LYS A 1 61 ? -10.223 -2.923  -5.669  1.00 20.81 ? 61 LYS A O   1 
ATOM   453 C CB  . LYS A 1 61 ? -10.699 -0.108  -7.427  1.00 28.52 ? 61 LYS A CB  1 
ATOM   454 C CG  . LYS A 1 61 ? -11.949 -0.320  -8.247  1.00 35.14 ? 61 LYS A CG  1 
ATOM   455 C CD  . LYS A 1 61 ? -11.801 0.391   -9.578  1.00 43.22 ? 61 LYS A CD  1 
ATOM   456 C CE  . LYS A 1 61 ? -11.571 1.889   -9.390  1.00 45.05 ? 61 LYS A CE  1 
ATOM   457 N NZ  . LYS A 1 61 ? -11.281 2.597   -10.672 1.00 43.18 ? 61 LYS A NZ  1 
ATOM   458 N N   . LEU A 1 62 ? -8.526  -1.479  -5.861  1.00 18.59 ? 62 LEU A N   1 
ATOM   459 C CA  . LEU A 1 62 ? -7.540  -2.537  -5.685  1.00 18.99 ? 62 LEU A CA  1 
ATOM   460 C C   . LEU A 1 62 ? -7.644  -3.114  -4.274  1.00 17.52 ? 62 LEU A C   1 
ATOM   461 O O   . LEU A 1 62 ? -7.386  -4.291  -4.063  1.00 22.69 ? 62 LEU A O   1 
ATOM   462 C CB  . LEU A 1 62 ? -6.124  -2.000  -5.927  1.00 20.24 ? 62 LEU A CB  1 
ATOM   463 C CG  . LEU A 1 62 ? -5.715  -1.784  -7.394  1.00 20.61 ? 62 LEU A CG  1 
ATOM   464 C CD1 . LEU A 1 62 ? -4.391  -1.047  -7.478  1.00 17.53 ? 62 LEU A CD1 1 
ATOM   465 C CD2 . LEU A 1 62 ? -5.646  -3.142  -8.100  1.00 17.38 ? 62 LEU A CD2 1 
ATOM   466 N N   . MET A 1 63 ? -7.955  -2.260  -3.304  1.00 20.24 ? 63 MET A N   1 
ATOM   467 C CA  . MET A 1 63 ? -8.089  -2.693  -1.928  1.00 20.40 ? 63 MET A CA  1 
ATOM   468 C C   . MET A 1 63 ? -9.240  -3.689  -1.819  1.00 20.16 ? 63 MET A C   1 
ATOM   469 O O   . MET A 1 63 ? -9.169  -4.638  -1.036  1.00 19.68 ? 63 MET A O   1 
ATOM   470 C CB  . MET A 1 63 ? -8.307  -1.489  -1.014  1.00 19.56 ? 63 MET A CB  1 
ATOM   471 C CG  . MET A 1 63 ? -7.061  -0.649  -0.821  1.00 20.19 ? 63 MET A CG  1 
ATOM   472 S SD  . MET A 1 63 ? -7.408  0.984   -0.117  1.00 26.58 ? 63 MET A SD  1 
ATOM   473 C CE  . MET A 1 63 ? -7.845  0.607   1.546   1.00 17.27 ? 63 MET A CE  1 
ATOM   474 N N   . GLN A 1 64 ? -10.279 -3.476  -2.628  1.00 21.92 ? 64 GLN A N   1 
ATOM   475 C CA  . GLN A 1 64 ? -11.441 -4.361  -2.663  1.00 20.62 ? 64 GLN A CA  1 
ATOM   476 C C   . GLN A 1 64 ? -11.038 -5.683  -3.284  1.00 19.72 ? 64 GLN A C   1 
ATOM   477 O O   . GLN A 1 64 ? -11.240 -6.739  -2.699  1.00 20.51 ? 64 GLN A O   1 
ATOM   478 C CB  . GLN A 1 64 ? -12.541 -3.802  -3.558  1.00 22.72 ? 64 GLN A CB  1 
ATOM   479 C CG  . GLN A 1 64 ? -13.394 -2.695  -3.012  1.00 32.10 ? 64 GLN A CG  1 
ATOM   480 C CD  . GLN A 1 64 ? -14.604 -2.433  -3.912  1.00 32.95 ? 64 GLN A CD  1 
ATOM   481 O OE1 . GLN A 1 64 ? -15.604 -1.885  -3.469  1.00 43.65 ? 64 GLN A OE1 1 
ATOM   482 N NE2 . GLN A 1 64 ? -14.537 -2.884  -5.161  1.00 31.13 ? 64 GLN A NE2 1 
ATOM   483 N N   . GLN A 1 65 ? -10.519 -5.630  -4.507  1.00 19.70 ? 65 GLN A N   1 
ATOM   484 C CA  . GLN A 1 65 ? -10.145 -6.860  -5.203  1.00 19.72 ? 65 GLN A CA  1 
ATOM   485 C C   . GLN A 1 65 ? -8.961  -7.671  -4.718  1.00 19.52 ? 65 GLN A C   1 
ATOM   486 O O   . GLN A 1 65 ? -8.905  -8.875  -4.961  1.00 19.52 ? 65 GLN A O   1 
ATOM   487 C CB  . GLN A 1 65 ? -10.039 -6.624  -6.705  1.00 22.99 ? 65 GLN A CB  1 
ATOM   488 C CG  . GLN A 1 65 ? -9.385  -5.345  -7.102  1.00 31.95 ? 65 GLN A CG  1 
ATOM   489 C CD  . GLN A 1 65 ? -9.583  -5.055  -8.582  1.00 34.08 ? 65 GLN A CD  1 
ATOM   490 O OE1 . GLN A 1 65 ? -8.640  -5.126  -9.369  1.00 32.83 ? 65 GLN A OE1 1 
ATOM   491 N NE2 . GLN A 1 65 ? -10.824 -4.739  -8.964  1.00 29.43 ? 65 GLN A NE2 1 
ATOM   492 N N   . LEU A 1 66 ? -7.998  -7.024  -4.057  1.00 17.70 ? 66 LEU A N   1 
ATOM   493 C CA  . LEU A 1 66 ? -6.831  -7.740  -3.574  1.00 15.27 ? 66 LEU A CA  1 
ATOM   494 C C   . LEU A 1 66 ? -6.976  -8.108  -2.106  1.00 15.10 ? 66 LEU A C   1 
ATOM   495 O O   . LEU A 1 66 ? -7.715  -7.450  -1.374  1.00 15.74 ? 66 LEU A O   1 
ATOM   496 C CB  . LEU A 1 66 ? -5.575  -6.874  -3.733  1.00 18.13 ? 66 LEU A CB  1 
ATOM   497 C CG  . LEU A 1 66 ? -5.045  -6.543  -5.132  1.00 21.24 ? 66 LEU A CG  1 
ATOM   498 C CD1 . LEU A 1 66 ? -3.924  -5.540  -4.984  1.00 20.99 ? 66 LEU A CD1 1 
ATOM   499 C CD2 . LEU A 1 66 ? -4.549  -7.787  -5.852  1.00 15.04 ? 66 LEU A CD2 1 
ATOM   500 N N   . PRO A 1 67 ? -6.295  -9.187  -1.662  1.00 14.82 ? 67 PRO A N   1 
ATOM   501 C CA  . PRO A 1 67 ? -6.374  -9.586  -0.248  1.00 18.79 ? 67 PRO A CA  1 
ATOM   502 C C   . PRO A 1 67 ? -5.323  -8.798  0.562   1.00 20.13 ? 67 PRO A C   1 
ATOM   503 O O   . PRO A 1 67 ? -4.312  -8.349  0.006   1.00 14.08 ? 67 PRO A O   1 
ATOM   504 C CB  . PRO A 1 67 ? -6.005  -11.067 -0.299  1.00 14.94 ? 67 PRO A CB  1 
ATOM   505 C CG  . PRO A 1 67 ? -4.979  -11.085 -1.366  1.00 15.27 ? 67 PRO A CG  1 
ATOM   506 C CD  . PRO A 1 67 ? -5.578  -10.209 -2.446  1.00 13.59 ? 67 PRO A CD  1 
ATOM   507 N N   . VAL A 1 68 ? -5.609  -8.555  1.838   1.00 19.64 ? 68 VAL A N   1 
ATOM   508 C CA  . VAL A 1 68 ? -4.657  -7.866  2.704   1.00 20.16 ? 68 VAL A CA  1 
ATOM   509 C C   . VAL A 1 68 ? -3.651  -8.928  3.138   1.00 21.36 ? 68 VAL A C   1 
ATOM   510 O O   . VAL A 1 68 ? -4.019  -10.070 3.417   1.00 18.87 ? 68 VAL A O   1 
ATOM   511 C CB  . VAL A 1 68 ? -5.313  -7.260  3.971   1.00 17.95 ? 68 VAL A CB  1 
ATOM   512 C CG1 . VAL A 1 68 ? -4.252  -6.932  5.003   1.00 22.24 ? 68 VAL A CG1 1 
ATOM   513 C CG2 . VAL A 1 68 ? -6.031  -5.997  3.621   1.00 19.82 ? 68 VAL A CG2 1 
ATOM   514 N N   . THR A 1 69 ? -2.394  -8.530  3.234   1.00 21.70 ? 69 THR A N   1 
ATOM   515 C CA  . THR A 1 69 ? -1.338  -9.440  3.608   1.00 25.63 ? 69 THR A CA  1 
ATOM   516 C C   . THR A 1 69 ? -0.761  -9.064  4.981   1.00 22.68 ? 69 THR A C   1 
ATOM   517 O O   . THR A 1 69 ? -0.825  -7.908  5.378   1.00 20.34 ? 69 THR A O   1 
ATOM   518 C CB  . THR A 1 69 ? -0.241  -9.396  2.518   1.00 29.75 ? 69 THR A CB  1 
ATOM   519 O OG1 . THR A 1 69 ? 0.655   -10.500 2.682   1.00 44.76 ? 69 THR A OG1 1 
ATOM   520 C CG2 . THR A 1 69 ? 0.552   -8.102  2.602   1.00 26.11 ? 69 THR A CG2 1 
ATOM   521 N N   . ALA A 1 70 ? -0.258  -10.057 5.717   1.00 22.97 ? 70 ALA A N   1 
ATOM   522 C CA  . ALA A 1 70 ? 0.358   -9.848  7.030   1.00 22.03 ? 70 ALA A CA  1 
ATOM   523 C C   . ALA A 1 70 ? 1.869   -9.659  6.887   1.00 21.26 ? 70 ALA A C   1 
ATOM   524 O O   . ALA A 1 70 ? 2.485   -10.178 5.947   1.00 25.11 ? 70 ALA A O   1 
ATOM   525 C CB  . ALA A 1 70 ? 0.076   -11.048 7.956   1.00 21.03 ? 70 ALA A CB  1 
ATOM   526 N N   . ARG A 1 71 ? 2.453   -8.880  7.789   1.00 20.41 ? 71 ARG A N   1 
ATOM   527 C CA  . ARG A 1 71 ? 3.893   -8.641  7.794   1.00 24.97 ? 71 ARG A CA  1 
ATOM   528 C C   . ARG A 1 71 ? 4.622   -9.847  8.383   1.00 21.85 ? 71 ARG A C   1 
ATOM   529 O O   . ARG A 1 71 ? 5.758   -10.150 7.970   1.00 18.69 ? 71 ARG A O   1 
ATOM   530 C CB  . ARG A 1 71 ? 4.208   -7.399  8.611   1.00 30.20 ? 71 ARG A CB  1 
ATOM   531 O OXT . ARG A 1 71 ? 4.034   -10.471 9.283   1.00 26.15 ? 71 ARG A OXT 1 
HETATM 532 O O   . HOH B 2 .  ? 8.277   4.074   14.950  1.00 18.28 ? 72 HOH A O   1 
HETATM 533 O O   . HOH B 2 .  ? 3.401   1.062   8.811   1.00 21.48 ? 73 HOH A O   1 
HETATM 534 O O   . HOH B 2 .  ? -1.540  -5.543  7.465   1.00 33.56 ? 74 HOH A O   1 
HETATM 535 O O   . HOH B 2 .  ? 3.770   11.779  -4.399  1.00 35.11 ? 75 HOH A O   1 
HETATM 536 O O   . HOH B 2 .  ? -7.920  0.129   -9.854  1.00 25.78 ? 76 HOH A O   1 
HETATM 537 O O   . HOH B 2 .  ? 1.210   -7.772  10.136  1.00 34.38 ? 77 HOH A O   1 
HETATM 538 O O   . HOH B 2 .  ? -4.874  7.466   10.404  1.00 60.38 ? 78 HOH A O   1 
HETATM 539 O O   . HOH B 2 .  ? 0.278   13.792  -2.248  1.00 42.11 ? 79 HOH A O   1 
HETATM 540 O O   . HOH B 2 .  ? -1.440  -12.851 5.220   1.00 43.92 ? 80 HOH A O   1 
HETATM 541 O O   . HOH B 2 .  ? -2.243  7.148   -5.112  1.00 29.63 ? 81 HOH A O   1 
HETATM 542 O O   . HOH B 2 .  ? -11.581 -0.012  -0.548  1.00 32.07 ? 82 HOH A O   1 
HETATM 543 O O   . HOH B 2 .  ? -2.462  11.527  -4.320  1.00 50.97 ? 83 HOH A O   1 
HETATM 544 O O   . HOH B 2 .  ? 8.314   0.114   -5.973  1.00 31.38 ? 84 HOH A O   1 
HETATM 545 O O   . HOH B 2 .  ? 6.081   -4.806  -10.948 1.00 59.55 ? 85 HOH A O   1 
HETATM 546 O O   . HOH B 2 .  ? -10.082 9.014   -7.944  1.00 44.14 ? 86 HOH A O   1 
HETATM 547 O O   . HOH B 2 .  ? -10.175 4.519   6.516   1.00 51.50 ? 87 HOH A O   1 
HETATM 548 O O   . HOH B 2 .  ? 6.902   -10.528 1.269   1.00 49.89 ? 88 HOH A O   1 
HETATM 549 O O   . HOH B 2 .  ? -0.093  12.935  -10.479 1.00 52.10 ? 89 HOH A O   1 
HETATM 550 O O   . HOH B 2 .  ? -6.551  -11.617 -5.343  1.00 44.18 ? 90 HOH A O   1 
HETATM 551 O O   . HOH B 2 .  ? -6.820  12.607  1.532   1.00 46.82 ? 91 HOH A O   1 
HETATM 552 O O   . HOH B 2 .  ? 6.965   -2.020  9.589   1.00 50.83 ? 92 HOH A O   1 
HETATM 553 O O   . HOH B 2 .  ? -2.359  16.988  1.301   1.00 71.95 ? 93 HOH A O   1 
HETATM 554 O O   . HOH B 2 .  ? 7.297   -14.654 -7.372  1.00 61.30 ? 94 HOH A O   1 
HETATM 555 O O   . HOH B 2 .  ? -5.062  -15.243 8.248   1.00 71.07 ? 95 HOH A O   1 
HETATM 556 O O   . HOH B 2 .  ? 5.096   -6.549  4.386   1.00 53.90 ? 96 HOH A O   1 
HETATM 557 O O   . HOH B 2 .  ? -5.213  0.867   -11.407 1.00 54.05 ? 97 HOH A O   1 
HETATM 558 O O   . HOH B 2 .  ? 1.747   6.147   5.185   1.00 13.82 ? 98 HOH A O   1 
# 
